data_1NAA
#
_entry.id   1NAA
#
_cell.length_a   185.952
_cell.length_b   185.952
_cell.length_c   81.438
_cell.angle_alpha   90.00
_cell.angle_beta   90.00
_cell.angle_gamma   120.00
#
_symmetry.space_group_name_H-M   'H 3'
#
loop_
_entity.id
_entity.type
_entity.pdbx_description
1 polymer 'Cellobiose dehydrogenase'
2 non-polymer 2-acetamido-2-deoxy-beta-D-glucopyranose
3 non-polymer '6-HYDROXY-FLAVIN-ADENINE DINUCLEOTIDE'
4 non-polymer '(2R,3R,4R,5R)-4,5-dihydroxy-2-(hydroxymethyl)-6-oxopiperidin-3-yl beta-D-glucopyranoside'
5 water water
#
_entity_poly.entity_id   1
_entity_poly.type   'polypeptide(L)'
_entity_poly.pdbx_seq_one_letter_code
;TPYDYIIVGAGPGGIIAADRLSEAGKKVLLLERGGPSTKQTGGTYVAPWATSSGLTKFDIPGLFESLFTDSNPFWWCKDI
TVFAGCLVGGGTSVNGALYWYPNDGDFSSSVGWPSSWTNHAPYTSKLSSRLPSTDHPSTDGQRYLEQSFNVVSQLLKGQG
YNQATINDNPNYKDHVFGYSAFDFLNGKRAGPVATYLQTALARPNFTFKTNVMVSNVVRNGSQILGVQTNDPTLGPNGFI
PVTPKGRVILSAGAFGTSRILFQSGIGPTDMIQTVQSNPTAAAALPPQNQWINLPVGMNAQDNPSINLVFTHPSIDAYEN
WADVWSNPRPADAAQYLANQSGVFAGASPKLNFWRAYSGSDGFTRYAQGTVRPGAASVNSSLPYNASQIFTITVYLSTGI
QSRGRIGIDAALRGTVLTPPWLVNPVDKTVLLQALHDVVSNIGSIPGLTMITPDVTQTLEEYVDAYDPATMNSNHWVSST
TIGSSPQSAVVDSNVKVFGTNNLFIVDAGIIPHLPTGNPQGTLMSAAEQAAAKILALAGGP
;
_entity_poly.pdbx_strand_id   A,B
#
loop_
_chem_comp.id
_chem_comp.type
_chem_comp.name
_chem_comp.formula
6FA non-polymer '6-HYDROXY-FLAVIN-ADENINE DINUCLEOTIDE' 'C27 H33 N9 O16 P2'
ABL D-saccharide '(2R,3R,4R,5R)-4,5-dihydroxy-2-(hydroxymethyl)-6-oxopiperidin-3-yl beta-D-glucopyranoside' 'C12 H21 N O10'
NAG D-saccharide, beta linking 2-acetamido-2-deoxy-beta-D-glucopyranose 'C8 H15 N O6'
#
# COMPACT_ATOMS: atom_id res chain seq x y z
N THR A 1 11.29 -21.63 -24.24
CA THR A 1 12.52 -22.21 -23.56
C THR A 1 12.06 -22.90 -22.25
N PRO A 2 12.21 -24.21 -22.19
CA PRO A 2 11.80 -24.94 -20.99
C PRO A 2 12.94 -25.08 -19.95
N TYR A 3 12.57 -25.24 -18.71
CA TYR A 3 13.52 -25.30 -17.60
C TYR A 3 13.28 -26.50 -16.74
N ASP A 4 14.36 -27.04 -16.17
CA ASP A 4 14.27 -28.11 -15.23
C ASP A 4 13.64 -27.67 -13.92
N TYR A 5 13.96 -26.45 -13.47
CA TYR A 5 13.28 -25.89 -12.33
C TYR A 5 12.90 -24.46 -12.65
N ILE A 6 11.66 -24.10 -12.36
CA ILE A 6 11.28 -22.68 -12.38
C ILE A 6 10.98 -22.34 -10.93
N ILE A 7 11.75 -21.38 -10.39
CA ILE A 7 11.71 -20.99 -8.99
C ILE A 7 11.10 -19.57 -8.94
N VAL A 8 9.98 -19.44 -8.28
CA VAL A 8 9.24 -18.17 -8.20
C VAL A 8 9.49 -17.43 -6.92
N GLY A 9 10.27 -16.34 -7.00
CA GLY A 9 10.48 -15.46 -5.85
C GLY A 9 11.92 -15.52 -5.38
N ALA A 10 12.62 -14.39 -5.54
CA ALA A 10 14.00 -14.29 -5.16
C ALA A 10 14.20 -13.81 -3.73
N GLY A 11 13.50 -14.49 -2.81
CA GLY A 11 13.73 -14.33 -1.38
C GLY A 11 14.80 -15.31 -0.92
N PRO A 12 14.94 -15.49 0.37
CA PRO A 12 16.00 -16.41 0.84
C PRO A 12 15.73 -17.83 0.38
N GLY A 13 14.48 -18.27 0.45
CA GLY A 13 14.14 -19.60 0.04
C GLY A 13 14.49 -19.86 -1.40
N GLY A 14 14.01 -18.97 -2.27
CA GLY A 14 14.20 -19.10 -3.70
C GLY A 14 15.64 -19.03 -4.15
N ILE A 15 16.38 -18.06 -3.62
CA ILE A 15 17.79 -17.88 -3.99
C ILE A 15 18.61 -19.15 -3.57
N ILE A 16 18.41 -19.67 -2.35
CA ILE A 16 19.18 -20.82 -1.90
C ILE A 16 18.83 -22.02 -2.74
N ALA A 17 17.54 -22.21 -3.00
CA ALA A 17 17.14 -23.31 -3.85
C ALA A 17 17.78 -23.17 -5.24
N ALA A 18 17.80 -21.95 -5.72
CA ALA A 18 18.32 -21.72 -7.06
C ALA A 18 19.80 -22.02 -7.15
N ASP A 19 20.52 -21.62 -6.11
CA ASP A 19 21.97 -21.91 -6.05
C ASP A 19 22.24 -23.35 -5.96
N ARG A 20 21.56 -24.03 -5.06
CA ARG A 20 21.88 -25.43 -4.89
C ARG A 20 21.48 -26.31 -6.05
N LEU A 21 20.38 -26.00 -6.70
CA LEU A 21 19.91 -26.79 -7.77
C LEU A 21 20.72 -26.56 -9.05
N SER A 22 21.08 -25.30 -9.26
CA SER A 22 21.94 -24.92 -10.37
C SER A 22 23.35 -25.48 -10.11
N GLU A 23 23.78 -25.55 -8.87
CA GLU A 23 25.08 -26.13 -8.57
C GLU A 23 25.05 -27.61 -8.99
N ALA A 24 23.87 -28.24 -8.80
CA ALA A 24 23.78 -29.65 -9.17
C ALA A 24 23.71 -29.89 -10.72
N GLY A 25 23.78 -28.84 -11.51
CA GLY A 25 23.82 -28.94 -12.98
C GLY A 25 22.44 -28.89 -13.64
N LYS A 26 21.42 -28.55 -12.87
CA LYS A 26 20.08 -28.45 -13.41
C LYS A 26 19.84 -27.09 -14.09
N LYS A 27 19.00 -27.10 -15.11
CA LYS A 27 18.70 -25.88 -15.85
C LYS A 27 17.68 -25.10 -15.04
N VAL A 28 18.08 -23.96 -14.47
CA VAL A 28 17.23 -23.30 -13.50
C VAL A 28 16.86 -21.86 -13.93
N LEU A 29 15.60 -21.52 -13.80
CA LEU A 29 15.14 -20.14 -13.98
C LEU A 29 14.64 -19.65 -12.65
N LEU A 30 15.14 -18.53 -12.18
CA LEU A 30 14.63 -17.88 -11.00
C LEU A 30 13.90 -16.62 -11.45
N LEU A 31 12.68 -16.45 -10.98
CA LEU A 31 11.89 -15.30 -11.30
C LEU A 31 11.63 -14.42 -10.10
N GLU A 32 11.64 -13.11 -10.31
CA GLU A 32 11.44 -12.20 -9.22
C GLU A 32 10.54 -11.03 -9.68
N ARG A 33 9.46 -10.78 -8.95
CA ARG A 33 8.53 -9.75 -9.39
C ARG A 33 9.04 -8.30 -9.26
N GLY A 34 9.96 -8.05 -8.34
CA GLY A 34 10.45 -6.71 -8.14
C GLY A 34 11.78 -6.48 -8.88
N GLY A 35 12.38 -5.33 -8.58
CA GLY A 35 13.57 -4.83 -9.19
C GLY A 35 14.81 -4.97 -8.28
N PRO A 36 15.89 -4.35 -8.75
CA PRO A 36 17.18 -4.32 -8.03
C PRO A 36 17.02 -3.78 -6.60
N SER A 37 17.91 -4.26 -5.74
CA SER A 37 17.99 -3.90 -4.36
C SER A 37 19.41 -3.29 -4.15
N THR A 38 20.37 -4.09 -3.75
CA THR A 38 21.71 -3.62 -3.43
C THR A 38 22.50 -3.30 -4.73
N LYS A 39 23.58 -2.59 -4.51
CA LYS A 39 24.45 -2.09 -5.55
C LYS A 39 24.79 -3.16 -6.58
N GLN A 40 25.24 -4.30 -6.06
CA GLN A 40 25.65 -5.38 -6.94
C GLN A 40 24.53 -6.00 -7.79
N THR A 41 23.29 -5.80 -7.42
CA THR A 41 22.13 -6.21 -8.23
C THR A 41 21.69 -5.16 -9.17
N GLY A 42 22.38 -4.04 -9.17
CA GLY A 42 22.01 -2.95 -10.07
C GLY A 42 21.22 -1.85 -9.40
N GLY A 43 21.15 -1.89 -8.09
CA GLY A 43 20.43 -0.87 -7.38
C GLY A 43 21.14 0.49 -7.31
N THR A 44 20.37 1.57 -7.39
CA THR A 44 20.92 2.93 -7.44
C THR A 44 20.27 3.87 -6.39
N TYR A 45 19.51 3.31 -5.46
CA TYR A 45 18.87 4.14 -4.42
C TYR A 45 19.82 4.44 -3.27
N VAL A 46 20.67 5.44 -3.50
CA VAL A 46 21.80 5.77 -2.61
C VAL A 46 21.62 7.11 -1.89
N ALA A 47 21.83 7.13 -0.58
CA ALA A 47 21.78 8.36 0.20
C ALA A 47 22.76 9.40 -0.35
N PRO A 48 22.40 10.67 -0.30
CA PRO A 48 23.30 11.74 -0.77
C PRO A 48 24.70 11.57 -0.18
N TRP A 49 24.77 11.38 1.11
CA TRP A 49 26.08 11.24 1.73
C TRP A 49 26.91 10.02 1.27
N ALA A 50 26.24 8.99 0.86
CA ALA A 50 26.87 7.73 0.47
C ALA A 50 27.23 7.62 -1.00
N THR A 51 26.95 8.69 -1.75
CA THR A 51 27.06 8.68 -3.21
C THR A 51 28.31 8.02 -3.80
N SER A 52 29.48 8.43 -3.33
CA SER A 52 30.72 7.93 -3.89
C SER A 52 30.84 6.42 -3.78
N SER A 53 30.26 5.83 -2.74
CA SER A 53 30.33 4.37 -2.56
C SER A 53 29.38 3.53 -3.41
N GLY A 54 28.35 4.18 -3.96
CA GLY A 54 27.30 3.46 -4.62
C GLY A 54 26.45 2.56 -3.72
N LEU A 55 26.73 2.56 -2.42
CA LEU A 55 26.01 1.68 -1.49
C LEU A 55 24.62 2.24 -1.20
N THR A 56 23.61 1.44 -1.50
CA THR A 56 22.20 1.84 -1.41
C THR A 56 21.61 1.79 -0.01
N LYS A 57 20.36 2.24 0.15
CA LYS A 57 19.62 2.08 1.37
C LYS A 57 19.61 0.62 1.87
N PHE A 58 19.59 -0.36 0.97
CA PHE A 58 19.59 -1.75 1.34
C PHE A 58 20.98 -2.25 1.73
N ASP A 59 22.05 -1.66 1.19
CA ASP A 59 23.39 -2.11 1.45
C ASP A 59 23.85 -1.75 2.83
N ILE A 60 23.48 -0.56 3.28
CA ILE A 60 24.08 -0.05 4.50
C ILE A 60 23.25 -0.41 5.71
N PRO A 61 23.78 -1.22 6.61
CA PRO A 61 22.98 -1.67 7.77
C PRO A 61 22.35 -0.56 8.58
N GLY A 62 23.11 0.51 8.85
CA GLY A 62 22.60 1.61 9.66
C GLY A 62 21.41 2.36 9.06
N LEU A 63 21.11 2.13 7.78
CA LEU A 63 19.95 2.73 7.13
C LEU A 63 18.69 1.92 7.34
N PHE A 64 18.81 0.80 8.07
CA PHE A 64 17.67 -0.07 8.30
C PHE A 64 16.38 0.71 8.70
N GLU A 65 16.47 1.50 9.77
CA GLU A 65 15.26 2.15 10.33
C GLU A 65 14.61 3.10 9.31
N SER A 66 15.42 3.63 8.40
CA SER A 66 14.91 4.49 7.34
C SER A 66 14.10 3.80 6.24
N LEU A 67 14.03 2.49 6.30
CA LEU A 67 13.15 1.71 5.43
C LEU A 67 11.69 1.92 5.82
N PHE A 68 11.42 2.47 7.00
CA PHE A 68 10.09 2.67 7.48
C PHE A 68 9.68 4.10 7.46
N THR A 69 10.61 4.98 7.11
CA THR A 69 10.32 6.45 7.22
C THR A 69 10.49 7.22 5.95
N ASP A 70 10.68 6.51 4.85
CA ASP A 70 10.83 7.12 3.58
C ASP A 70 9.52 7.56 3.03
N SER A 71 9.50 8.69 2.34
CA SER A 71 8.25 9.25 1.77
C SER A 71 7.76 8.37 0.60
N ASN A 72 8.63 7.57 0.01
CA ASN A 72 8.24 6.81 -1.15
C ASN A 72 8.87 5.42 -1.18
N PRO A 73 8.44 4.53 -0.30
CA PRO A 73 9.00 3.19 -0.14
C PRO A 73 8.57 2.18 -1.23
N PHE A 74 9.32 2.13 -2.31
CA PHE A 74 9.01 1.28 -3.43
C PHE A 74 9.32 -0.19 -3.16
N TRP A 75 9.95 -0.51 -2.04
CA TRP A 75 10.39 -1.88 -1.76
C TRP A 75 9.31 -2.80 -1.18
N TRP A 76 8.24 -2.21 -0.66
CA TRP A 76 7.15 -3.04 -0.04
C TRP A 76 6.27 -3.57 -1.16
N CYS A 77 5.82 -4.83 -1.02
CA CYS A 77 4.91 -5.41 -1.95
C CYS A 77 3.61 -4.58 -1.95
N LYS A 78 3.18 -4.14 -3.11
CA LYS A 78 2.10 -3.19 -3.20
C LYS A 78 0.68 -3.77 -3.08
N ASP A 79 0.61 -5.08 -3.17
CA ASP A 79 -0.62 -5.82 -3.10
C ASP A 79 -0.69 -6.78 -1.89
N ILE A 80 0.10 -6.49 -0.87
CA ILE A 80 0.05 -7.27 0.37
C ILE A 80 -0.15 -6.19 1.45
N THR A 81 -1.07 -6.42 2.41
CA THR A 81 -1.46 -5.39 3.41
C THR A 81 -0.54 -5.25 4.62
N VAL A 82 0.45 -6.13 4.73
CA VAL A 82 1.46 -6.05 5.77
C VAL A 82 2.82 -6.04 5.12
N PHE A 83 3.87 -5.69 5.86
CA PHE A 83 5.17 -5.55 5.27
C PHE A 83 5.67 -6.88 4.66
N ALA A 84 6.10 -6.79 3.42
CA ALA A 84 6.76 -7.85 2.67
C ALA A 84 7.67 -7.15 1.67
N GLY A 85 8.88 -7.69 1.50
CA GLY A 85 9.78 -7.09 0.54
C GLY A 85 9.56 -7.64 -0.85
N CYS A 86 9.36 -6.76 -1.82
CA CYS A 86 9.21 -7.16 -3.21
C CYS A 86 10.28 -6.47 -4.04
N LEU A 87 11.43 -7.13 -4.07
CA LEU A 87 12.66 -6.69 -4.70
C LEU A 87 13.63 -7.90 -4.61
N VAL A 88 14.73 -7.81 -5.33
CA VAL A 88 15.77 -8.85 -5.29
C VAL A 88 16.22 -9.07 -3.86
N GLY A 89 16.05 -10.27 -3.34
CA GLY A 89 16.38 -10.55 -1.96
C GLY A 89 15.15 -10.71 -1.05
N GLY A 90 14.01 -10.25 -1.53
CA GLY A 90 12.80 -10.29 -0.70
C GLY A 90 13.05 -9.56 0.66
N GLY A 91 12.53 -10.18 1.69
CA GLY A 91 12.66 -9.69 3.06
C GLY A 91 14.09 -9.52 3.49
N THR A 92 15.02 -10.30 2.95
CA THR A 92 16.44 -10.21 3.35
C THR A 92 17.11 -8.93 2.86
N SER A 93 16.48 -8.21 1.96
CA SER A 93 17.05 -6.94 1.47
C SER A 93 16.47 -5.76 2.27
N VAL A 94 15.41 -6.01 3.04
CA VAL A 94 14.75 -4.96 3.81
C VAL A 94 14.64 -5.29 5.30
N ASN A 95 15.22 -6.40 5.75
CA ASN A 95 15.00 -6.76 7.14
C ASN A 95 16.08 -6.25 8.10
N GLY A 96 15.76 -6.35 9.38
CA GLY A 96 16.72 -6.02 10.43
C GLY A 96 17.96 -6.86 10.44
N ALA A 97 17.93 -8.00 9.74
CA ALA A 97 19.05 -8.90 9.55
C ALA A 97 19.53 -9.68 10.79
N LEU A 98 18.75 -9.65 11.86
CA LEU A 98 19.10 -10.45 13.04
C LEU A 98 19.16 -11.91 12.61
N TYR A 99 20.23 -12.58 13.01
CA TYR A 99 20.65 -13.85 12.45
C TYR A 99 21.03 -14.80 13.52
N TRP A 100 20.17 -15.80 13.71
CA TRP A 100 20.42 -16.80 14.73
C TRP A 100 20.40 -18.17 14.05
N TYR A 101 21.49 -18.90 14.21
CA TYR A 101 21.53 -20.24 13.76
C TYR A 101 20.40 -20.99 14.51
N PRO A 102 19.66 -21.83 13.84
CA PRO A 102 18.63 -22.60 14.52
C PRO A 102 19.19 -23.61 15.49
N ASN A 103 18.47 -23.83 16.58
CA ASN A 103 18.77 -24.85 17.51
C ASN A 103 18.02 -26.13 17.23
N ASP A 104 18.32 -27.18 17.99
CA ASP A 104 17.72 -28.47 17.75
C ASP A 104 16.21 -28.47 17.87
N GLY A 105 15.71 -27.78 18.88
CA GLY A 105 14.26 -27.75 19.07
C GLY A 105 13.54 -27.04 17.93
N ASP A 106 14.19 -26.12 17.23
CA ASP A 106 13.59 -25.45 16.08
C ASP A 106 13.24 -26.41 14.94
N PHE A 107 13.98 -27.53 14.89
CA PHE A 107 13.79 -28.60 13.90
C PHE A 107 13.27 -29.92 14.50
N SER A 108 12.64 -29.85 15.66
CA SER A 108 12.14 -31.00 16.40
C SER A 108 10.89 -31.57 15.74
N SER A 109 10.76 -32.88 15.81
CA SER A 109 9.54 -33.48 15.29
C SER A 109 8.37 -33.04 16.21
N SER A 110 8.65 -32.64 17.44
CA SER A 110 7.59 -32.18 18.37
C SER A 110 6.99 -30.86 17.89
N VAL A 111 7.68 -30.02 17.11
CA VAL A 111 7.03 -28.79 16.62
C VAL A 111 6.39 -28.96 15.24
N GLY A 112 6.38 -30.21 14.73
CA GLY A 112 5.78 -30.56 13.45
C GLY A 112 6.68 -30.94 12.25
N TRP A 113 8.00 -30.94 12.42
CA TRP A 113 8.85 -31.42 11.33
C TRP A 113 8.75 -32.94 11.18
N PRO A 114 8.82 -33.48 9.97
CA PRO A 114 8.97 -34.89 9.81
C PRO A 114 10.29 -35.36 10.46
N SER A 115 10.33 -36.63 10.86
CA SER A 115 11.56 -37.19 11.44
C SER A 115 12.76 -36.96 10.59
N SER A 116 12.56 -37.11 9.28
CA SER A 116 13.64 -36.96 8.31
C SER A 116 14.25 -35.56 8.24
N TRP A 117 13.63 -34.59 8.91
CA TRP A 117 14.16 -33.24 8.94
C TRP A 117 14.90 -32.88 10.19
N THR A 118 14.79 -33.72 11.25
CA THR A 118 15.28 -33.27 12.56
C THR A 118 16.78 -33.08 12.63
N ASN A 119 17.52 -33.86 11.83
CA ASN A 119 19.00 -33.72 11.76
C ASN A 119 19.41 -32.53 10.92
N HIS A 120 19.20 -31.33 11.45
CA HIS A 120 19.48 -30.13 10.65
C HIS A 120 20.94 -29.75 10.61
N ALA A 121 21.72 -30.31 11.48
CA ALA A 121 23.12 -29.88 11.58
C ALA A 121 23.91 -29.77 10.27
N PRO A 122 23.89 -30.76 9.40
CA PRO A 122 24.68 -30.67 8.17
C PRO A 122 24.29 -29.44 7.36
N TYR A 123 23.00 -29.13 7.35
CA TYR A 123 22.44 -28.00 6.56
C TYR A 123 22.70 -26.67 7.23
N THR A 124 22.53 -26.61 8.55
CA THR A 124 22.83 -25.43 9.29
C THR A 124 24.31 -25.09 9.17
N SER A 125 25.13 -26.11 9.26
CA SER A 125 26.58 -25.91 9.11
C SER A 125 26.90 -25.32 7.73
N LYS A 126 26.24 -25.90 6.71
CA LYS A 126 26.46 -25.52 5.33
C LYS A 126 25.99 -24.04 5.14
N LEU A 127 24.90 -23.66 5.77
CA LEU A 127 24.46 -22.30 5.77
C LEU A 127 25.56 -21.38 6.31
N SER A 128 26.14 -21.79 7.46
CA SER A 128 27.15 -20.99 8.15
C SER A 128 28.41 -20.80 7.32
N SER A 129 28.68 -21.74 6.42
CA SER A 129 29.84 -21.61 5.52
C SER A 129 29.62 -20.47 4.46
N ARG A 130 28.36 -20.18 4.13
CA ARG A 130 28.01 -19.06 3.21
C ARG A 130 27.79 -17.73 3.93
N LEU A 131 27.22 -17.81 5.15
CA LEU A 131 26.80 -16.65 5.91
C LEU A 131 27.18 -16.82 7.38
N PRO A 132 28.41 -16.53 7.66
CA PRO A 132 28.90 -16.60 9.03
C PRO A 132 28.36 -15.54 9.91
N SER A 133 27.93 -15.88 11.11
CA SER A 133 27.41 -14.89 12.05
C SER A 133 28.47 -13.89 12.44
N THR A 134 28.06 -12.64 12.61
CA THR A 134 28.88 -11.69 13.29
C THR A 134 28.06 -10.89 14.25
N ASP A 135 28.60 -10.75 15.47
CA ASP A 135 28.06 -9.78 16.45
C ASP A 135 28.89 -8.49 16.58
N HIS A 136 29.80 -8.30 15.63
CA HIS A 136 30.60 -7.07 15.54
C HIS A 136 30.80 -6.76 14.04
N PRO A 137 29.73 -6.38 13.39
CA PRO A 137 29.75 -6.27 11.94
C PRO A 137 30.69 -5.14 11.40
N SER A 138 30.97 -4.14 12.19
CA SER A 138 31.86 -3.11 11.73
C SER A 138 33.21 -3.69 11.27
N THR A 139 33.74 -3.19 10.17
CA THR A 139 34.99 -3.76 9.62
C THR A 139 36.20 -3.55 10.54
N ASP A 140 36.14 -2.68 11.55
CA ASP A 140 37.26 -2.53 12.47
C ASP A 140 37.19 -3.50 13.67
N GLY A 141 36.17 -4.32 13.72
CA GLY A 141 36.01 -5.28 14.80
C GLY A 141 35.37 -4.64 16.05
N GLN A 142 35.16 -3.34 16.03
CA GLN A 142 34.63 -2.64 17.21
C GLN A 142 33.08 -2.54 17.17
N ARG A 143 32.46 -2.31 18.32
CA ARG A 143 31.00 -2.16 18.33
C ARG A 143 30.70 -0.70 18.64
N TYR A 144 29.54 -0.25 18.14
CA TYR A 144 29.13 1.12 18.19
C TYR A 144 27.66 1.32 18.66
N LEU A 145 27.41 2.47 19.29
CA LEU A 145 26.08 2.91 19.74
C LEU A 145 25.52 1.81 20.69
N GLU A 146 26.33 1.43 21.67
CA GLU A 146 25.99 0.36 22.59
C GLU A 146 25.37 0.70 23.94
N GLN A 147 25.03 1.96 24.12
CA GLN A 147 24.54 2.41 25.42
C GLN A 147 23.28 1.65 25.90
N SER A 148 22.44 1.28 24.97
CA SER A 148 21.22 0.52 25.30
C SER A 148 21.57 -0.90 25.70
N PHE A 149 22.63 -1.49 25.12
CA PHE A 149 23.13 -2.77 25.50
C PHE A 149 23.61 -2.68 26.95
N ASN A 150 24.39 -1.67 27.21
CA ASN A 150 24.98 -1.50 28.55
C ASN A 150 23.91 -1.35 29.61
N VAL A 151 22.88 -0.58 29.34
CA VAL A 151 21.80 -0.44 30.31
C VAL A 151 21.03 -1.76 30.54
N VAL A 152 20.57 -2.39 29.47
CA VAL A 152 19.73 -3.56 29.63
C VAL A 152 20.55 -4.76 30.16
N SER A 153 21.84 -4.84 29.84
CA SER A 153 22.65 -5.90 30.42
C SER A 153 22.69 -5.83 31.91
N GLN A 154 22.67 -4.62 32.46
CA GLN A 154 22.69 -4.52 33.89
C GLN A 154 21.34 -4.94 34.48
N LEU A 155 20.27 -4.63 33.77
CA LEU A 155 18.93 -5.01 34.15
C LEU A 155 18.87 -6.53 34.19
N LEU A 156 19.38 -7.13 33.13
CA LEU A 156 19.24 -8.55 32.99
C LEU A 156 20.14 -9.31 33.96
N LYS A 157 21.33 -8.79 34.19
CA LYS A 157 22.21 -9.43 35.15
C LYS A 157 21.54 -9.47 36.52
N GLY A 158 20.70 -8.49 36.84
CA GLY A 158 19.98 -8.44 38.12
C GLY A 158 18.86 -9.47 38.17
N GLN A 159 18.49 -9.97 36.99
CA GLN A 159 17.49 -11.00 36.82
C GLN A 159 18.16 -12.37 36.67
N GLY A 160 19.45 -12.43 36.89
CA GLY A 160 20.10 -13.74 36.80
C GLY A 160 20.44 -14.19 35.39
N TYR A 161 20.48 -13.28 34.42
CA TYR A 161 20.94 -13.68 33.10
C TYR A 161 22.47 -13.70 33.02
N ASN A 162 22.97 -14.47 32.07
CA ASN A 162 24.38 -14.48 31.69
C ASN A 162 24.62 -14.07 30.22
N GLN A 163 25.72 -13.35 29.97
CA GLN A 163 26.04 -12.92 28.62
C GLN A 163 26.67 -14.08 27.90
N ALA A 164 26.46 -14.15 26.59
CA ALA A 164 27.11 -15.15 25.78
C ALA A 164 27.23 -14.58 24.41
N THR A 165 28.10 -15.18 23.58
CA THR A 165 28.08 -14.95 22.16
C THR A 165 27.03 -15.94 21.65
N ILE A 166 25.84 -15.41 21.36
CA ILE A 166 24.65 -16.21 21.12
C ILE A 166 24.84 -17.36 20.14
N ASN A 167 25.41 -17.08 18.98
CA ASN A 167 25.49 -18.09 17.97
C ASN A 167 26.58 -19.13 18.23
N ASP A 168 27.36 -19.01 19.30
CA ASP A 168 28.38 -20.02 19.59
C ASP A 168 27.67 -21.29 20.07
N ASN A 169 26.56 -21.14 20.79
CA ASN A 169 25.84 -22.26 21.36
C ASN A 169 24.33 -22.06 21.21
N PRO A 170 23.84 -22.30 20.03
CA PRO A 170 22.44 -22.07 19.70
C PRO A 170 21.44 -22.76 20.62
N ASN A 171 21.77 -23.95 21.12
CA ASN A 171 20.84 -24.64 22.00
C ASN A 171 20.63 -23.97 23.37
N TYR A 172 21.48 -23.00 23.74
CA TYR A 172 21.41 -22.40 25.06
C TYR A 172 20.95 -20.98 24.95
N LYS A 173 19.65 -20.82 25.24
CA LYS A 173 19.01 -19.54 25.13
C LYS A 173 18.39 -19.03 26.41
N ASP A 174 17.97 -19.91 27.29
CA ASP A 174 17.30 -19.47 28.49
C ASP A 174 18.22 -18.65 29.39
N HIS A 175 17.78 -17.44 29.78
CA HIS A 175 18.57 -16.57 30.71
C HIS A 175 19.93 -16.21 30.06
N VAL A 176 19.90 -16.05 28.76
CA VAL A 176 21.04 -15.63 28.01
C VAL A 176 20.75 -14.31 27.31
N PHE A 177 21.74 -13.41 27.31
CA PHE A 177 21.71 -12.23 26.51
C PHE A 177 23.06 -12.06 25.84
N GLY A 178 23.02 -11.27 24.78
CA GLY A 178 24.18 -11.00 24.00
C GLY A 178 24.06 -9.92 22.94
N TYR A 179 25.22 -9.51 22.40
CA TYR A 179 25.18 -8.54 21.30
C TYR A 179 24.35 -9.13 20.11
N SER A 180 23.61 -8.28 19.47
CA SER A 180 22.88 -8.63 18.27
C SER A 180 23.79 -9.22 17.19
N ALA A 181 23.35 -10.32 16.60
CA ALA A 181 24.11 -10.93 15.54
C ALA A 181 23.40 -10.74 14.22
N PHE A 182 24.19 -10.60 13.17
CA PHE A 182 23.70 -10.36 11.84
C PHE A 182 24.40 -11.22 10.82
N ASP A 183 23.77 -11.42 9.68
CA ASP A 183 24.48 -12.11 8.55
C ASP A 183 25.03 -11.01 7.58
N PHE A 184 25.93 -10.18 8.07
CA PHE A 184 26.59 -9.15 7.28
C PHE A 184 28.00 -9.59 6.87
N LEU A 185 28.51 -8.97 5.81
CA LEU A 185 29.91 -9.18 5.39
C LEU A 185 30.53 -7.84 5.02
N ASN A 186 31.78 -7.60 5.44
CA ASN A 186 32.47 -6.37 5.08
C ASN A 186 31.70 -5.09 5.41
N GLY A 187 31.00 -5.09 6.52
CA GLY A 187 30.24 -3.94 6.97
C GLY A 187 28.99 -3.58 6.18
N LYS A 188 28.51 -4.51 5.37
CA LYS A 188 27.36 -4.32 4.50
C LYS A 188 26.39 -5.45 4.64
N ARG A 189 25.14 -5.18 4.26
CA ARG A 189 24.17 -6.25 4.18
C ARG A 189 24.75 -7.32 3.24
N ALA A 190 24.52 -8.57 3.54
CA ALA A 190 25.02 -9.65 2.70
C ALA A 190 23.82 -10.58 2.41
N GLY A 191 23.57 -11.55 3.27
CA GLY A 191 22.46 -12.45 3.04
C GLY A 191 22.62 -13.29 1.76
N PRO A 192 21.56 -13.97 1.33
CA PRO A 192 21.66 -14.74 0.11
C PRO A 192 22.01 -13.92 -1.11
N VAL A 193 21.58 -12.66 -1.17
CA VAL A 193 21.87 -11.84 -2.37
C VAL A 193 23.39 -11.74 -2.65
N ALA A 194 24.18 -11.63 -1.60
CA ALA A 194 25.61 -11.43 -1.71
C ALA A 194 26.41 -12.73 -1.77
N THR A 195 25.72 -13.82 -1.64
CA THR A 195 26.35 -15.13 -1.57
C THR A 195 25.79 -16.15 -2.56
N TYR A 196 24.75 -16.86 -2.13
CA TYR A 196 24.09 -17.84 -2.94
C TYR A 196 23.69 -17.31 -4.33
N LEU A 197 23.15 -16.10 -4.39
CA LEU A 197 22.77 -15.55 -5.70
C LEU A 197 23.98 -15.35 -6.59
N GLN A 198 25.11 -14.94 -6.00
CA GLN A 198 26.27 -14.68 -6.82
C GLN A 198 26.89 -15.95 -7.43
N THR A 199 26.95 -17.01 -6.63
CA THR A 199 27.49 -18.23 -7.24
C THR A 199 26.54 -18.77 -8.26
N ALA A 200 25.23 -18.56 -8.09
CA ALA A 200 24.26 -18.99 -9.10
C ALA A 200 24.44 -18.23 -10.45
N LEU A 201 24.55 -16.91 -10.33
CA LEU A 201 24.63 -16.02 -11.46
C LEU A 201 25.84 -16.35 -12.32
N ALA A 202 26.89 -16.97 -11.74
CA ALA A 202 28.10 -17.31 -12.50
C ALA A 202 27.93 -18.58 -13.39
N ARG A 203 26.81 -19.27 -13.25
CA ARG A 203 26.62 -20.52 -13.93
C ARG A 203 25.87 -20.41 -15.25
N PRO A 204 26.34 -21.07 -16.30
CA PRO A 204 25.68 -20.95 -17.61
C PRO A 204 24.26 -21.54 -17.61
N ASN A 205 24.02 -22.48 -16.70
CA ASN A 205 22.71 -23.11 -16.57
C ASN A 205 21.74 -22.43 -15.60
N PHE A 206 22.04 -21.21 -15.17
CA PHE A 206 21.19 -20.44 -14.30
C PHE A 206 20.78 -19.20 -15.02
N THR A 207 19.47 -18.90 -14.98
CA THR A 207 18.95 -17.68 -15.60
C THR A 207 18.12 -16.95 -14.57
N PHE A 208 18.32 -15.62 -14.44
CA PHE A 208 17.59 -14.79 -13.42
C PHE A 208 16.87 -13.69 -14.14
N LYS A 209 15.56 -13.59 -13.95
CA LYS A 209 14.78 -12.55 -14.59
C LYS A 209 14.02 -11.74 -13.51
N THR A 210 14.24 -10.44 -13.42
CA THR A 210 13.52 -9.57 -12.47
C THR A 210 12.37 -8.85 -13.18
N ASN A 211 11.55 -8.16 -12.41
CA ASN A 211 10.34 -7.51 -12.91
C ASN A 211 9.43 -8.46 -13.66
N VAL A 212 9.31 -9.68 -13.17
CA VAL A 212 8.42 -10.65 -13.76
C VAL A 212 7.55 -11.19 -12.64
N MET A 213 6.25 -10.98 -12.78
CA MET A 213 5.32 -11.53 -11.79
C MET A 213 4.61 -12.79 -12.26
N VAL A 214 4.62 -13.84 -11.43
CA VAL A 214 3.91 -15.05 -11.72
C VAL A 214 2.52 -14.96 -11.14
N SER A 215 1.49 -15.12 -11.96
CA SER A 215 0.13 -15.13 -11.44
C SER A 215 -0.29 -16.48 -10.91
N ASN A 216 0.07 -17.55 -11.60
CA ASN A 216 -0.35 -18.88 -11.27
C ASN A 216 0.51 -19.91 -11.98
N VAL A 217 0.45 -21.15 -11.51
CA VAL A 217 1.05 -22.24 -12.21
C VAL A 217 -0.02 -22.71 -13.17
N VAL A 218 0.41 -23.30 -14.26
CA VAL A 218 -0.45 -23.91 -15.24
C VAL A 218 -0.30 -25.42 -15.09
N ARG A 219 -1.44 -26.09 -14.96
CA ARG A 219 -1.46 -27.51 -14.66
C ARG A 219 -2.57 -28.22 -15.38
N ASN A 220 -2.28 -29.48 -15.66
CA ASN A 220 -3.24 -30.43 -16.16
C ASN A 220 -3.37 -31.39 -14.98
N GLY A 221 -4.39 -31.18 -14.17
CA GLY A 221 -4.58 -32.01 -12.99
C GLY A 221 -3.38 -31.90 -12.07
N SER A 222 -2.79 -33.04 -11.71
CA SER A 222 -1.66 -33.06 -10.78
C SER A 222 -0.33 -32.65 -11.42
N GLN A 223 -0.31 -32.51 -12.76
CA GLN A 223 0.92 -32.26 -13.50
C GLN A 223 1.03 -30.74 -13.81
N ILE A 224 2.02 -30.12 -13.22
CA ILE A 224 2.30 -28.68 -13.45
C ILE A 224 3.11 -28.53 -14.73
N LEU A 225 2.59 -27.79 -15.67
CA LEU A 225 3.20 -27.68 -17.00
C LEU A 225 4.19 -26.55 -17.09
N GLY A 226 4.08 -25.60 -16.17
CA GLY A 226 4.92 -24.43 -16.15
C GLY A 226 4.26 -23.32 -15.33
N VAL A 227 4.66 -22.06 -15.55
CA VAL A 227 4.13 -20.90 -14.90
C VAL A 227 3.61 -19.85 -15.88
N GLN A 228 2.64 -19.08 -15.39
CA GLN A 228 2.02 -17.97 -16.11
C GLN A 228 2.54 -16.63 -15.57
N THR A 229 3.23 -15.89 -16.40
CA THR A 229 3.76 -14.59 -16.01
C THR A 229 3.19 -13.49 -16.82
N ASN A 230 3.53 -12.29 -16.40
CA ASN A 230 3.11 -11.06 -17.05
C ASN A 230 4.14 -10.57 -18.05
N ASP A 231 5.04 -11.44 -18.50
CA ASP A 231 6.07 -11.05 -19.45
C ASP A 231 6.08 -11.87 -20.74
N PRO A 232 5.40 -11.37 -21.77
CA PRO A 232 5.23 -12.10 -23.04
C PRO A 232 6.48 -12.31 -23.82
N THR A 233 7.62 -11.81 -23.36
CA THR A 233 8.83 -12.03 -24.12
C THR A 233 9.48 -13.24 -23.62
N LEU A 234 8.92 -13.84 -22.58
CA LEU A 234 9.57 -15.03 -22.05
C LEU A 234 8.84 -16.32 -22.54
N GLY A 235 7.75 -16.23 -23.27
CA GLY A 235 7.08 -17.43 -23.74
C GLY A 235 5.73 -17.01 -24.20
N PRO A 236 4.97 -17.92 -24.82
CA PRO A 236 3.66 -17.58 -25.37
C PRO A 236 2.69 -16.96 -24.39
N ASN A 237 2.32 -15.71 -24.66
CA ASN A 237 1.46 -14.96 -23.74
C ASN A 237 1.98 -15.03 -22.30
N GLY A 238 3.29 -15.10 -22.15
CA GLY A 238 3.88 -15.11 -20.82
C GLY A 238 4.04 -16.46 -20.16
N PHE A 239 3.59 -17.55 -20.83
CA PHE A 239 3.73 -18.88 -20.27
C PHE A 239 5.16 -19.41 -20.46
N ILE A 240 5.73 -19.98 -19.40
CA ILE A 240 7.07 -20.58 -19.40
C ILE A 240 6.94 -22.01 -18.97
N PRO A 241 7.33 -22.95 -19.82
CA PRO A 241 7.20 -24.36 -19.49
C PRO A 241 8.33 -24.96 -18.75
N VAL A 242 8.05 -26.06 -18.05
CA VAL A 242 9.11 -26.92 -17.52
C VAL A 242 9.43 -28.01 -18.56
N THR A 243 10.61 -28.59 -18.44
CA THR A 243 10.95 -29.78 -19.19
C THR A 243 10.03 -30.95 -18.71
N PRO A 244 9.99 -32.07 -19.43
CA PRO A 244 9.06 -33.17 -19.09
C PRO A 244 9.14 -33.66 -17.67
N LYS A 245 10.35 -33.77 -17.14
CA LYS A 245 10.45 -34.17 -15.75
C LYS A 245 10.62 -32.99 -14.84
N GLY A 246 10.53 -31.78 -15.40
CA GLY A 246 10.73 -30.57 -14.63
C GLY A 246 9.75 -30.27 -13.55
N ARG A 247 10.12 -29.30 -12.72
CA ARG A 247 9.48 -28.95 -11.47
C ARG A 247 9.36 -27.43 -11.24
N VAL A 248 8.33 -27.02 -10.53
CA VAL A 248 8.12 -25.64 -10.16
C VAL A 248 8.23 -25.59 -8.64
N ILE A 249 9.05 -24.65 -8.19
CA ILE A 249 9.23 -24.35 -6.79
C ILE A 249 8.67 -22.96 -6.50
N LEU A 250 7.75 -22.88 -5.55
CA LEU A 250 7.24 -21.61 -5.12
C LEU A 250 7.99 -21.13 -3.91
N SER A 251 8.55 -19.94 -4.03
CA SER A 251 9.27 -19.27 -2.95
C SER A 251 8.89 -17.79 -2.87
N ALA A 252 7.60 -17.50 -3.04
CA ALA A 252 7.11 -16.19 -3.11
C ALA A 252 6.70 -15.55 -1.80
N GLY A 253 6.98 -16.25 -0.69
CA GLY A 253 6.74 -15.65 0.60
C GLY A 253 5.36 -16.10 1.11
N ALA A 254 5.09 -15.93 2.39
CA ALA A 254 3.82 -16.48 2.94
C ALA A 254 2.57 -15.96 2.16
N PHE A 255 2.53 -14.66 1.79
CA PHE A 255 1.36 -14.12 1.15
C PHE A 255 1.51 -14.38 -0.35
N GLY A 256 2.75 -14.30 -0.85
CA GLY A 256 2.93 -14.51 -2.28
C GLY A 256 2.60 -15.88 -2.81
N THR A 257 3.10 -16.89 -2.09
CA THR A 257 2.90 -18.25 -2.46
C THR A 257 1.46 -18.67 -2.26
N SER A 258 0.86 -18.23 -1.15
CA SER A 258 -0.53 -18.62 -0.92
C SER A 258 -1.41 -18.07 -2.06
N ARG A 259 -1.17 -16.84 -2.48
CA ARG A 259 -1.92 -16.23 -3.58
C ARG A 259 -1.75 -16.98 -4.92
N ILE A 260 -0.52 -17.34 -5.23
CA ILE A 260 -0.25 -18.10 -6.46
C ILE A 260 -1.01 -19.45 -6.41
N LEU A 261 -1.00 -20.11 -5.24
CA LEU A 261 -1.71 -21.40 -5.12
C LEU A 261 -3.23 -21.23 -5.31
N PHE A 262 -3.80 -20.20 -4.66
CA PHE A 262 -5.22 -19.96 -4.81
C PHE A 262 -5.57 -19.74 -6.32
N GLN A 263 -4.77 -18.93 -7.00
CA GLN A 263 -4.88 -18.62 -8.39
C GLN A 263 -4.62 -19.79 -9.31
N SER A 264 -4.15 -20.91 -8.72
CA SER A 264 -3.87 -22.15 -9.42
C SER A 264 -4.90 -23.25 -9.00
N GLY A 265 -5.94 -22.84 -8.30
CA GLY A 265 -6.91 -23.77 -7.82
C GLY A 265 -6.38 -24.74 -6.77
N ILE A 266 -5.54 -24.23 -5.88
CA ILE A 266 -5.00 -25.03 -4.79
C ILE A 266 -5.23 -24.22 -3.50
N GLY A 267 -5.98 -24.80 -2.54
CA GLY A 267 -6.25 -24.18 -1.28
C GLY A 267 -7.68 -24.36 -0.87
N PRO A 268 -8.08 -23.65 0.19
CA PRO A 268 -9.42 -23.75 0.72
C PRO A 268 -10.45 -23.28 -0.33
N THR A 269 -11.60 -23.91 -0.40
CA THR A 269 -12.55 -23.50 -1.41
C THR A 269 -12.95 -21.99 -1.39
N ASP A 270 -13.11 -21.44 -0.18
CA ASP A 270 -13.45 -20.03 -0.04
C ASP A 270 -12.47 -19.07 -0.73
N MET A 271 -11.19 -19.41 -0.67
CA MET A 271 -10.13 -18.67 -1.35
C MET A 271 -10.13 -18.86 -2.86
N ILE A 272 -10.28 -20.08 -3.31
CA ILE A 272 -10.33 -20.29 -4.75
C ILE A 272 -11.59 -19.53 -5.34
N GLN A 273 -12.73 -19.59 -4.62
CA GLN A 273 -13.93 -18.88 -5.07
C GLN A 273 -13.72 -17.38 -5.08
N THR A 274 -12.89 -16.88 -4.18
CA THR A 274 -12.52 -15.48 -4.19
C THR A 274 -11.78 -15.12 -5.48
N VAL A 275 -10.79 -15.96 -5.83
CA VAL A 275 -10.18 -15.85 -7.16
C VAL A 275 -11.21 -15.90 -8.29
N GLN A 276 -12.14 -16.86 -8.26
CA GLN A 276 -13.15 -17.03 -9.31
C GLN A 276 -14.04 -15.81 -9.47
N SER A 277 -14.11 -15.02 -8.42
CA SER A 277 -14.89 -13.80 -8.45
C SER A 277 -14.28 -12.73 -9.31
N ASN A 278 -13.00 -12.85 -9.64
CA ASN A 278 -12.36 -11.89 -10.50
C ASN A 278 -12.45 -12.56 -11.91
N PRO A 279 -13.23 -12.03 -12.88
CA PRO A 279 -13.43 -12.76 -14.15
C PRO A 279 -12.17 -13.13 -14.91
N THR A 280 -11.17 -12.26 -14.87
CA THR A 280 -9.90 -12.52 -15.48
C THR A 280 -9.15 -13.64 -14.83
N ALA A 281 -9.03 -13.59 -13.51
CA ALA A 281 -8.37 -14.68 -12.79
C ALA A 281 -9.14 -16.01 -12.90
N ALA A 282 -10.45 -15.92 -12.89
CA ALA A 282 -11.32 -17.07 -13.06
C ALA A 282 -10.97 -17.88 -14.36
N ALA A 283 -10.73 -17.17 -15.45
CA ALA A 283 -10.40 -17.78 -16.74
C ALA A 283 -9.11 -18.64 -16.69
N ALA A 284 -8.20 -18.35 -15.79
CA ALA A 284 -6.95 -19.11 -15.66
C ALA A 284 -7.07 -20.23 -14.66
N LEU A 285 -8.18 -20.34 -13.95
CA LEU A 285 -8.29 -21.43 -12.97
C LEU A 285 -8.49 -22.76 -13.66
N PRO A 286 -8.09 -23.85 -13.02
CA PRO A 286 -8.49 -25.15 -13.52
C PRO A 286 -10.00 -25.28 -13.31
N PRO A 287 -10.66 -26.18 -14.02
CA PRO A 287 -12.04 -26.43 -13.66
C PRO A 287 -12.17 -26.90 -12.20
N GLN A 288 -13.32 -26.61 -11.61
CA GLN A 288 -13.55 -26.85 -10.18
C GLN A 288 -13.31 -28.31 -9.80
N ASN A 289 -13.58 -29.23 -10.72
CA ASN A 289 -13.34 -30.62 -10.39
C ASN A 289 -11.88 -30.99 -10.22
N GLN A 290 -10.95 -30.13 -10.62
CA GLN A 290 -9.51 -30.36 -10.47
C GLN A 290 -8.93 -29.53 -9.32
N TRP A 291 -9.75 -28.73 -8.64
CA TRP A 291 -9.25 -27.92 -7.52
C TRP A 291 -8.74 -28.88 -6.44
N ILE A 292 -7.61 -28.52 -5.79
CA ILE A 292 -6.99 -29.34 -4.76
C ILE A 292 -7.24 -28.63 -3.41
N ASN A 293 -7.98 -29.27 -2.52
CA ASN A 293 -8.33 -28.67 -1.23
C ASN A 293 -7.20 -28.91 -0.24
N LEU A 294 -6.41 -27.88 0.05
CA LEU A 294 -5.32 -27.91 1.04
C LEU A 294 -5.44 -26.71 1.98
N PRO A 295 -4.92 -26.80 3.22
CA PRO A 295 -5.02 -25.68 4.20
C PRO A 295 -4.02 -24.55 3.93
N VAL A 296 -4.04 -24.04 2.69
CA VAL A 296 -3.20 -22.93 2.32
C VAL A 296 -3.70 -21.60 2.96
N GLY A 297 -2.82 -21.03 3.78
CA GLY A 297 -3.10 -19.84 4.55
C GLY A 297 -3.58 -20.15 5.95
N MET A 298 -4.01 -21.41 6.20
CA MET A 298 -4.34 -21.80 7.54
C MET A 298 -3.03 -22.06 8.33
N ASN A 299 -3.16 -22.12 9.64
CA ASN A 299 -2.08 -22.46 10.52
C ASN A 299 -1.06 -21.32 10.58
N ALA A 300 -1.44 -20.12 10.08
CA ALA A 300 -0.52 -18.99 10.00
C ALA A 300 -0.05 -18.58 11.36
N GLN A 301 1.27 -18.39 11.51
CA GLN A 301 1.78 -17.99 12.82
C GLN A 301 2.77 -16.88 12.70
N ASP A 302 2.63 -15.95 13.61
CA ASP A 302 3.55 -14.83 13.73
C ASP A 302 3.74 -14.50 15.21
N ASN A 303 4.88 -13.97 15.64
CA ASN A 303 5.14 -13.71 17.04
C ASN A 303 4.27 -12.65 17.56
N PRO A 304 3.66 -12.83 18.72
CA PRO A 304 3.06 -11.66 19.35
C PRO A 304 4.24 -10.80 19.81
N SER A 305 4.11 -9.49 19.75
CA SER A 305 5.16 -8.58 20.26
C SER A 305 4.54 -7.35 20.95
N ILE A 306 5.26 -6.83 21.92
CA ILE A 306 4.85 -5.67 22.71
C ILE A 306 6.11 -4.79 22.87
N ASN A 307 6.02 -3.55 22.43
CA ASN A 307 7.11 -2.62 22.62
C ASN A 307 7.05 -1.93 23.99
N LEU A 308 8.18 -1.90 24.68
CA LEU A 308 8.27 -1.19 25.96
C LEU A 308 9.32 -0.10 25.73
N VAL A 309 8.97 1.14 26.09
CA VAL A 309 9.87 2.30 25.85
C VAL A 309 10.31 2.90 27.17
N PHE A 310 11.61 3.15 27.23
CA PHE A 310 12.30 3.65 28.38
C PHE A 310 13.18 4.87 28.06
N THR A 311 13.57 5.57 29.11
CA THR A 311 14.69 6.55 29.04
C THR A 311 15.75 6.22 30.09
N HIS A 312 16.98 6.63 29.82
CA HIS A 312 18.08 6.56 30.77
C HIS A 312 19.08 7.60 30.30
N PRO A 313 19.65 8.38 31.22
CA PRO A 313 20.58 9.47 30.86
C PRO A 313 21.78 9.09 30.05
N SER A 314 22.17 7.82 30.06
CA SER A 314 23.34 7.41 29.32
C SER A 314 23.01 7.09 27.85
N ILE A 315 21.71 7.01 27.54
CA ILE A 315 21.28 6.61 26.21
C ILE A 315 21.51 7.65 25.12
N ASP A 316 21.88 7.19 23.94
CA ASP A 316 21.98 8.02 22.75
C ASP A 316 20.95 7.55 21.74
N ALA A 317 19.84 8.27 21.68
CA ALA A 317 18.75 7.89 20.80
C ALA A 317 19.04 8.15 19.30
N TYR A 318 20.21 8.67 18.99
CA TYR A 318 20.65 8.79 17.59
C TYR A 318 19.66 9.52 16.69
N GLU A 319 19.10 10.60 17.21
CA GLU A 319 18.06 11.42 16.59
C GLU A 319 16.85 10.60 16.14
N ASN A 320 16.58 9.56 16.89
CA ASN A 320 15.55 8.58 16.54
C ASN A 320 15.60 8.02 15.10
N TRP A 321 16.81 7.93 14.57
CA TRP A 321 17.08 7.46 13.23
C TRP A 321 16.49 8.33 12.14
N ALA A 322 16.00 9.49 12.52
CA ALA A 322 15.30 10.35 11.55
C ALA A 322 16.20 10.99 10.52
N ASP A 323 17.48 11.08 10.83
CA ASP A 323 18.39 11.81 9.97
C ASP A 323 19.41 11.00 9.17
N VAL A 324 19.38 9.68 9.28
CA VAL A 324 20.45 8.85 8.71
C VAL A 324 20.50 8.88 7.18
N TRP A 325 19.39 9.14 6.50
CA TRP A 325 19.42 9.24 5.04
C TRP A 325 19.82 10.64 4.58
N SER A 326 19.17 11.69 5.08
CA SER A 326 19.37 13.01 4.54
C SER A 326 20.40 13.90 5.27
N ASN A 327 20.71 13.62 6.52
CA ASN A 327 21.57 14.50 7.26
C ASN A 327 22.26 13.78 8.40
N PRO A 328 23.09 12.80 8.10
CA PRO A 328 23.71 11.99 9.16
C PRO A 328 24.78 12.68 9.94
N ARG A 329 25.15 12.12 11.09
CA ARG A 329 26.24 12.73 11.86
C ARG A 329 27.50 12.64 11.00
N PRO A 330 28.16 13.76 10.73
CA PRO A 330 29.28 13.74 9.78
C PRO A 330 30.34 12.73 10.07
N ALA A 331 30.72 12.56 11.32
CA ALA A 331 31.81 11.64 11.59
C ALA A 331 31.41 10.23 11.27
N ASP A 332 30.15 9.90 11.52
CA ASP A 332 29.69 8.53 11.31
C ASP A 332 29.58 8.24 9.84
N ALA A 333 29.07 9.21 9.09
CA ALA A 333 28.99 9.07 7.67
C ALA A 333 30.38 8.94 7.05
N ALA A 334 31.30 9.78 7.48
CA ALA A 334 32.68 9.76 7.00
C ALA A 334 33.36 8.45 7.25
N GLN A 335 33.22 7.93 8.47
CA GLN A 335 33.83 6.67 8.82
C GLN A 335 33.32 5.50 7.94
N TYR A 336 32.01 5.45 7.72
CA TYR A 336 31.43 4.41 6.88
C TYR A 336 31.91 4.48 5.41
N LEU A 337 31.91 5.69 4.88
CA LEU A 337 32.38 5.95 3.50
C LEU A 337 33.82 5.50 3.33
N ALA A 338 34.64 5.77 4.32
CA ALA A 338 36.07 5.43 4.21
C ALA A 338 36.32 3.89 4.18
N ASN A 339 35.76 3.14 5.12
CA ASN A 339 36.06 1.70 5.20
C ASN A 339 34.94 0.80 5.73
N GLN A 340 33.76 1.37 5.81
CA GLN A 340 32.57 0.63 6.21
C GLN A 340 32.68 0.17 7.68
N SER A 341 33.23 1.03 8.53
CA SER A 341 33.20 0.76 9.94
C SER A 341 32.27 1.80 10.59
N GLY A 342 31.96 1.58 11.86
CA GLY A 342 31.25 2.54 12.69
C GLY A 342 29.77 2.20 12.89
N VAL A 343 29.02 3.20 13.31
CA VAL A 343 27.58 3.06 13.48
C VAL A 343 26.87 2.46 12.30
N PHE A 344 27.18 2.91 11.09
CA PHE A 344 26.43 2.47 9.90
C PHE A 344 26.66 1.01 9.54
N ALA A 345 27.61 0.34 10.16
CA ALA A 345 27.87 -1.05 9.80
C ALA A 345 26.96 -2.05 10.53
N GLY A 346 26.13 -1.56 11.47
CA GLY A 346 25.12 -2.36 12.10
C GLY A 346 23.76 -1.77 11.92
N ALA A 347 22.76 -2.65 12.06
CA ALA A 347 21.37 -2.19 12.07
C ALA A 347 21.08 -1.63 13.47
N SER A 348 19.83 -1.29 13.75
CA SER A 348 19.51 -0.69 15.00
C SER A 348 19.56 -1.59 16.26
N PRO A 349 19.25 -2.90 16.17
CA PRO A 349 19.34 -3.75 17.36
C PRO A 349 20.74 -3.82 17.95
N LYS A 350 20.80 -3.76 19.24
CA LYS A 350 22.04 -3.88 20.02
C LYS A 350 22.12 -5.07 20.96
N LEU A 351 21.01 -5.44 21.63
CA LEU A 351 21.03 -6.54 22.55
C LEU A 351 19.85 -7.49 22.33
N ASN A 352 20.08 -8.78 22.45
CA ASN A 352 18.97 -9.75 22.39
C ASN A 352 19.04 -10.66 23.59
N PHE A 353 17.89 -11.13 24.08
CA PHE A 353 17.86 -12.00 25.26
C PHE A 353 16.68 -12.95 25.12
N TRP A 354 16.75 -14.08 25.81
CA TRP A 354 15.71 -15.07 25.77
C TRP A 354 15.47 -15.64 27.13
N ARG A 355 14.26 -16.16 27.33
CA ARG A 355 13.85 -16.79 28.57
C ARG A 355 12.71 -17.76 28.33
N ALA A 356 12.87 -18.92 28.93
CA ALA A 356 11.91 -20.03 28.88
C ALA A 356 10.82 -19.90 29.94
N TYR A 357 9.57 -20.18 29.53
CA TYR A 357 8.42 -20.11 30.43
C TYR A 357 7.60 -21.39 30.39
N SER A 358 7.37 -21.98 31.56
CA SER A 358 6.59 -23.22 31.61
C SER A 358 5.16 -22.82 31.23
N GLY A 359 4.48 -23.74 30.57
CA GLY A 359 3.09 -23.52 30.17
C GLY A 359 2.13 -24.41 30.93
N SER A 360 1.04 -23.77 31.37
CA SER A 360 0.00 -24.46 32.12
C SER A 360 -0.66 -25.53 31.26
N ASP A 361 -0.45 -25.44 29.96
CA ASP A 361 -0.98 -26.39 29.01
C ASP A 361 0.08 -27.39 28.57
N GLY A 362 1.22 -27.43 29.22
CA GLY A 362 2.25 -28.38 28.84
C GLY A 362 3.28 -27.90 27.85
N PHE A 363 3.12 -26.69 27.29
CA PHE A 363 4.08 -26.20 26.32
C PHE A 363 4.99 -25.17 26.91
N THR A 364 6.27 -25.42 26.79
CA THR A 364 7.27 -24.47 27.28
C THR A 364 7.36 -23.37 26.21
N ARG A 365 7.15 -22.13 26.61
CA ARG A 365 7.25 -21.06 25.66
C ARG A 365 8.50 -20.23 25.90
N TYR A 366 9.09 -19.67 24.82
CA TYR A 366 10.21 -18.75 24.93
C TYR A 366 9.77 -17.33 24.69
N ALA A 367 10.25 -16.45 25.54
CA ALA A 367 10.14 -15.03 25.30
C ALA A 367 11.54 -14.59 24.73
N GLN A 368 11.47 -13.58 23.84
CA GLN A 368 12.64 -12.88 23.29
C GLN A 368 12.51 -11.40 23.43
N GLY A 369 13.62 -10.75 23.85
CA GLY A 369 13.74 -9.31 23.78
C GLY A 369 14.70 -8.81 22.71
N THR A 370 14.35 -7.72 22.03
CA THR A 370 15.24 -7.09 21.12
C THR A 370 15.33 -5.62 21.60
N VAL A 371 16.53 -5.17 21.94
CA VAL A 371 16.76 -3.84 22.49
C VAL A 371 17.39 -2.93 21.42
N ARG A 372 16.83 -1.73 21.20
CA ARG A 372 17.47 -0.78 20.27
C ARG A 372 17.32 0.63 20.78
N PRO A 373 18.23 1.52 20.44
CA PRO A 373 18.02 2.94 20.72
C PRO A 373 16.94 3.49 19.80
N GLY A 374 16.19 4.45 20.32
CA GLY A 374 15.09 5.05 19.59
C GLY A 374 13.82 4.34 19.82
N ALA A 375 12.70 4.88 19.30
CA ALA A 375 11.38 4.24 19.42
C ALA A 375 10.49 4.69 18.33
N ALA A 376 9.69 3.76 17.80
CA ALA A 376 8.72 4.12 16.75
C ALA A 376 7.56 4.89 17.26
N SER A 377 7.09 4.55 18.47
CA SER A 377 5.90 5.13 19.04
C SER A 377 6.06 5.31 20.53
N VAL A 378 5.62 6.45 21.05
CA VAL A 378 5.70 6.80 22.47
C VAL A 378 4.42 7.36 22.95
N ASN A 379 3.90 6.83 24.03
CA ASN A 379 2.66 7.38 24.55
C ASN A 379 2.83 7.75 26.03
N SER A 380 3.38 8.93 26.27
CA SER A 380 3.67 9.37 27.67
C SER A 380 2.95 10.60 28.07
N SER A 381 2.26 10.55 29.19
CA SER A 381 1.55 11.72 29.71
C SER A 381 2.52 12.65 30.44
N LEU A 382 3.74 12.17 30.65
CA LEU A 382 4.76 12.98 31.31
C LEU A 382 5.84 13.39 30.30
N PRO A 383 6.47 14.57 30.46
CA PRO A 383 7.59 14.93 29.62
C PRO A 383 8.73 13.91 29.71
N TYR A 384 9.47 13.76 28.60
CA TYR A 384 10.64 12.93 28.52
C TYR A 384 11.63 13.58 27.57
N ASN A 385 12.88 13.20 27.73
CA ASN A 385 13.94 13.71 26.92
C ASN A 385 14.05 12.72 25.76
N ALA A 386 13.70 13.18 24.57
CA ALA A 386 13.68 12.30 23.41
C ALA A 386 15.04 11.78 23.01
N SER A 387 16.08 12.45 23.46
CA SER A 387 17.42 12.03 23.13
C SER A 387 17.78 10.80 23.96
N GLN A 388 16.95 10.44 24.94
CA GLN A 388 17.33 9.36 25.84
C GLN A 388 16.50 8.07 25.66
N ILE A 389 15.67 7.99 24.62
CA ILE A 389 14.77 6.82 24.50
C ILE A 389 15.34 5.57 23.87
N PHE A 390 14.91 4.41 24.38
CA PHE A 390 15.26 3.17 23.76
C PHE A 390 14.05 2.22 23.89
N THR A 391 14.03 1.22 23.05
CA THR A 391 12.95 0.22 23.03
C THR A 391 13.42 -1.16 23.40
N ILE A 392 12.62 -1.85 24.23
CA ILE A 392 12.74 -3.27 24.43
C ILE A 392 11.51 -3.90 23.79
N THR A 393 11.69 -4.60 22.66
CA THR A 393 10.56 -5.30 22.06
C THR A 393 10.53 -6.74 22.62
N VAL A 394 9.43 -7.11 23.25
CA VAL A 394 9.28 -8.44 23.86
C VAL A 394 8.37 -9.30 22.98
N TYR A 395 8.90 -10.45 22.53
CA TYR A 395 8.17 -11.43 21.70
C TYR A 395 7.98 -12.72 22.45
N LEU A 396 6.97 -13.51 22.06
CA LEU A 396 6.93 -14.93 22.36
C LEU A 396 7.29 -15.70 21.10
N SER A 397 7.87 -16.87 21.23
CA SER A 397 8.30 -17.59 20.03
C SER A 397 8.05 -19.11 20.15
N THR A 398 9.07 -19.85 20.54
CA THR A 398 8.95 -21.28 20.74
C THR A 398 7.78 -21.62 21.63
N GLY A 399 7.08 -22.71 21.30
CA GLY A 399 5.97 -23.19 22.13
C GLY A 399 4.60 -22.56 22.01
N ILE A 400 4.48 -21.36 21.43
CA ILE A 400 3.18 -20.72 21.49
C ILE A 400 2.16 -21.55 20.70
N GLN A 401 0.93 -21.43 21.07
CA GLN A 401 -0.12 -22.22 20.48
C GLN A 401 -1.06 -21.43 19.53
N SER A 402 -0.96 -20.10 19.54
CA SER A 402 -1.84 -19.29 18.71
C SER A 402 -1.63 -19.50 17.19
N ARG A 403 -2.73 -19.62 16.47
CA ARG A 403 -2.71 -19.67 15.05
C ARG A 403 -3.76 -18.74 14.49
N GLY A 404 -3.39 -18.13 13.36
CA GLY A 404 -4.32 -17.28 12.61
C GLY A 404 -4.49 -17.77 11.22
N ARG A 405 -4.87 -16.87 10.33
CA ARG A 405 -5.16 -17.20 8.97
C ARG A 405 -4.84 -16.02 8.02
N ILE A 406 -4.15 -16.36 6.95
CA ILE A 406 -3.86 -15.40 5.87
C ILE A 406 -4.53 -15.88 4.62
N GLY A 407 -4.77 -14.95 3.70
CA GLY A 407 -5.36 -15.33 2.45
C GLY A 407 -5.46 -14.12 1.55
N ILE A 408 -6.53 -14.06 0.79
CA ILE A 408 -6.76 -12.93 -0.11
C ILE A 408 -8.13 -12.39 0.13
N ASP A 409 -8.28 -11.12 -0.26
CA ASP A 409 -9.57 -10.46 -0.29
C ASP A 409 -10.10 -10.43 -1.72
N ALA A 410 -11.27 -9.80 -1.95
CA ALA A 410 -11.85 -9.74 -3.25
C ALA A 410 -10.98 -9.00 -4.29
N ALA A 411 -10.11 -8.10 -3.83
CA ALA A 411 -9.19 -7.39 -4.69
C ALA A 411 -7.94 -8.21 -4.97
N LEU A 412 -7.87 -9.43 -4.47
CA LEU A 412 -6.67 -10.29 -4.62
C LEU A 412 -5.43 -9.76 -3.93
N ARG A 413 -5.62 -8.95 -2.88
CA ARG A 413 -4.54 -8.55 -2.00
C ARG A 413 -4.28 -9.64 -0.93
N GLY A 414 -3.04 -9.88 -0.61
CA GLY A 414 -2.68 -10.74 0.52
C GLY A 414 -3.04 -10.03 1.78
N THR A 415 -3.81 -10.68 2.64
CA THR A 415 -4.33 -10.02 3.78
C THR A 415 -4.38 -10.98 5.02
N VAL A 416 -4.45 -10.41 6.21
CA VAL A 416 -4.54 -11.17 7.40
C VAL A 416 -6.03 -11.42 7.65
N LEU A 417 -6.54 -12.60 7.36
CA LEU A 417 -7.95 -12.85 7.56
C LEU A 417 -8.34 -13.02 9.04
N THR A 418 -7.44 -13.66 9.79
CA THR A 418 -7.64 -13.88 11.21
C THR A 418 -6.33 -13.56 11.87
N PRO A 419 -6.29 -12.52 12.69
CA PRO A 419 -5.08 -12.14 13.41
C PRO A 419 -4.56 -13.33 14.24
N PRO A 420 -3.28 -13.65 14.07
CA PRO A 420 -2.66 -14.82 14.75
C PRO A 420 -2.17 -14.54 16.15
N TRP A 421 -2.22 -13.27 16.61
CA TRP A 421 -1.64 -12.89 17.91
C TRP A 421 -2.61 -13.10 19.08
N LEU A 422 -2.14 -13.80 20.09
CA LEU A 422 -2.87 -13.99 21.32
C LEU A 422 -4.25 -14.63 21.17
N VAL A 423 -4.38 -15.51 20.16
CA VAL A 423 -5.57 -16.30 19.97
C VAL A 423 -5.74 -17.30 21.15
N ASN A 424 -4.61 -17.86 21.57
CA ASN A 424 -4.57 -18.80 22.66
C ASN A 424 -4.38 -18.04 23.95
N PRO A 425 -5.28 -18.20 24.91
CA PRO A 425 -5.20 -17.49 26.20
C PRO A 425 -3.95 -17.77 27.01
N VAL A 426 -3.35 -18.93 26.89
CA VAL A 426 -2.16 -19.18 27.68
C VAL A 426 -0.95 -18.40 27.12
N ASP A 427 -0.92 -18.21 25.78
CA ASP A 427 0.05 -17.32 25.15
C ASP A 427 -0.05 -15.94 25.81
N LYS A 428 -1.25 -15.37 26.03
CA LYS A 428 -1.37 -14.02 26.60
C LYS A 428 -0.86 -14.03 28.03
N THR A 429 -1.23 -15.05 28.78
CA THR A 429 -0.82 -15.16 30.18
C THR A 429 0.69 -15.13 30.28
N VAL A 430 1.34 -15.94 29.46
CA VAL A 430 2.78 -16.02 29.49
C VAL A 430 3.43 -14.72 28.99
N LEU A 431 2.86 -14.10 27.97
CA LEU A 431 3.37 -12.78 27.56
C LEU A 431 3.39 -11.77 28.71
N LEU A 432 2.28 -11.64 29.44
CA LEU A 432 2.20 -10.72 30.59
C LEU A 432 3.20 -11.12 31.69
N GLN A 433 3.45 -12.41 31.88
CA GLN A 433 4.44 -12.84 32.87
C GLN A 433 5.80 -12.36 32.39
N ALA A 434 6.09 -12.52 31.08
CA ALA A 434 7.35 -12.15 30.49
C ALA A 434 7.63 -10.63 30.59
N LEU A 435 6.61 -9.84 30.34
CA LEU A 435 6.66 -8.38 30.48
C LEU A 435 6.95 -7.95 31.92
N HIS A 436 6.23 -8.56 32.88
CA HIS A 436 6.39 -8.28 34.30
C HIS A 436 7.81 -8.62 34.73
N ASP A 437 8.36 -9.73 34.22
CA ASP A 437 9.70 -10.09 34.61
C ASP A 437 10.70 -9.10 34.07
N VAL A 438 10.46 -8.57 32.86
CA VAL A 438 11.48 -7.68 32.27
C VAL A 438 11.64 -6.45 33.10
N VAL A 439 10.53 -5.89 33.50
CA VAL A 439 10.55 -4.66 34.26
C VAL A 439 10.56 -4.83 35.78
N SER A 440 10.57 -6.08 36.27
CA SER A 440 10.56 -6.33 37.73
C SER A 440 11.57 -5.50 38.54
N ASN A 441 12.80 -5.39 38.03
CA ASN A 441 13.92 -4.71 38.77
C ASN A 441 14.31 -3.39 38.16
N ILE A 442 13.38 -2.72 37.48
CA ILE A 442 13.68 -1.44 36.83
C ILE A 442 14.19 -0.43 37.87
N GLY A 443 13.60 -0.47 39.04
CA GLY A 443 13.97 0.48 40.09
C GLY A 443 15.38 0.32 40.63
N SER A 444 16.05 -0.78 40.29
CA SER A 444 17.39 -1.09 40.74
C SER A 444 18.50 -0.46 39.89
N ILE A 445 18.12 0.13 38.76
CA ILE A 445 19.02 0.82 37.85
C ILE A 445 18.68 2.33 37.99
N PRO A 446 19.55 3.11 38.58
CA PRO A 446 19.27 4.54 38.79
C PRO A 446 19.01 5.29 37.47
N GLY A 447 17.97 6.10 37.39
CA GLY A 447 17.72 6.88 36.19
C GLY A 447 16.98 6.12 35.08
N LEU A 448 16.68 4.84 35.29
CA LEU A 448 15.94 4.08 34.28
C LEU A 448 14.48 4.29 34.49
N THR A 449 13.77 4.77 33.49
CA THR A 449 12.34 5.04 33.62
C THR A 449 11.58 4.45 32.46
N MET A 450 10.45 3.81 32.75
CA MET A 450 9.61 3.28 31.67
C MET A 450 8.61 4.41 31.29
N ILE A 451 8.61 4.81 30.03
CA ILE A 451 7.77 5.93 29.59
C ILE A 451 6.62 5.46 28.70
N THR A 452 6.68 4.22 28.20
CA THR A 452 5.50 3.64 27.55
C THR A 452 5.48 2.19 27.87
N PRO A 453 4.48 1.70 28.61
CA PRO A 453 3.41 2.46 29.20
C PRO A 453 3.96 3.27 30.32
N ASP A 454 3.48 4.49 30.51
CA ASP A 454 3.95 5.34 31.60
C ASP A 454 3.38 4.84 32.91
N VAL A 455 3.72 5.53 34.01
CA VAL A 455 3.41 5.09 35.37
C VAL A 455 1.94 5.06 35.64
N THR A 456 1.17 5.70 34.77
CA THR A 456 -0.24 5.71 34.95
C THR A 456 -0.93 4.53 34.35
N GLN A 457 -0.23 3.71 33.58
CA GLN A 457 -0.89 2.64 32.86
C GLN A 457 -0.22 1.32 33.18
N THR A 458 -0.97 0.33 33.63
CA THR A 458 -0.37 -0.94 33.93
C THR A 458 -0.03 -1.74 32.68
N LEU A 459 0.87 -2.67 32.87
CA LEU A 459 1.17 -3.57 31.77
C LEU A 459 -0.11 -4.25 31.26
N GLU A 460 -1.02 -4.65 32.15
CA GLU A 460 -2.27 -5.32 31.72
C GLU A 460 -3.14 -4.38 30.89
N GLU A 461 -3.18 -3.15 31.32
CA GLU A 461 -3.97 -2.17 30.57
C GLU A 461 -3.36 -1.94 29.18
N TYR A 462 -2.05 -1.98 29.14
CA TYR A 462 -1.32 -1.67 27.94
C TYR A 462 -1.54 -2.74 26.90
N VAL A 463 -1.43 -3.99 27.31
CA VAL A 463 -1.58 -5.08 26.39
C VAL A 463 -3.02 -5.12 25.84
N ASP A 464 -4.02 -4.90 26.70
CA ASP A 464 -5.39 -4.89 26.30
C ASP A 464 -5.77 -3.72 25.35
N ALA A 465 -5.12 -2.56 25.46
CA ALA A 465 -5.40 -1.41 24.59
C ALA A 465 -4.52 -1.38 23.32
N TYR A 466 -3.60 -2.34 23.20
CA TYR A 466 -2.60 -2.40 22.12
C TYR A 466 -3.25 -2.78 20.81
N ASP A 467 -2.93 -2.09 19.75
CA ASP A 467 -3.53 -2.45 18.48
C ASP A 467 -2.96 -3.79 17.96
N PRO A 468 -3.79 -4.81 17.78
CA PRO A 468 -3.26 -6.11 17.38
C PRO A 468 -2.36 -6.05 16.17
N ALA A 469 -2.75 -5.25 15.20
CA ALA A 469 -1.99 -5.10 13.99
C ALA A 469 -0.58 -4.66 14.25
N THR A 470 -0.40 -3.83 15.27
CA THR A 470 0.94 -3.40 15.62
C THR A 470 1.83 -4.50 16.29
N MET A 471 1.21 -5.59 16.72
CA MET A 471 1.96 -6.70 17.28
C MET A 471 2.70 -7.48 16.17
N ASN A 472 2.32 -7.26 14.91
CA ASN A 472 2.94 -7.96 13.78
C ASN A 472 4.46 -7.89 13.90
N SER A 473 5.06 -9.06 13.88
CA SER A 473 6.50 -9.23 14.00
C SER A 473 7.22 -9.56 12.67
N ASN A 474 6.45 -9.53 11.57
CA ASN A 474 6.90 -9.87 10.23
C ASN A 474 7.58 -11.23 10.14
N HIS A 475 7.11 -12.19 10.88
CA HIS A 475 7.77 -13.51 10.93
C HIS A 475 6.82 -14.63 10.49
N TRP A 476 5.93 -14.33 9.53
CA TRP A 476 4.95 -15.28 9.01
C TRP A 476 5.51 -16.63 8.69
N VAL A 477 4.98 -17.66 9.33
CA VAL A 477 5.35 -19.02 9.00
C VAL A 477 4.11 -19.90 8.95
N SER A 478 4.27 -21.13 8.44
CA SER A 478 3.29 -22.21 8.51
C SER A 478 2.02 -22.11 7.69
N SER A 479 1.91 -21.11 6.83
CA SER A 479 0.78 -20.95 5.94
C SER A 479 0.71 -21.98 4.77
N THR A 480 1.78 -22.73 4.57
CA THR A 480 1.80 -23.89 3.69
C THR A 480 2.66 -24.95 4.38
N THR A 481 2.28 -25.25 5.60
CA THR A 481 3.16 -26.05 6.45
C THR A 481 3.50 -27.44 5.89
N ILE A 482 4.70 -27.84 6.22
CA ILE A 482 5.16 -29.15 6.03
C ILE A 482 4.38 -29.99 7.00
N GLY A 483 4.24 -31.24 6.63
CA GLY A 483 3.56 -32.24 7.44
C GLY A 483 3.40 -33.59 6.78
N SER A 484 2.53 -34.44 7.31
CA SER A 484 2.42 -35.81 6.81
C SER A 484 1.17 -36.10 5.94
N SER A 485 0.19 -35.22 5.98
CA SER A 485 -1.16 -35.48 5.39
C SER A 485 -1.80 -34.19 4.92
N PRO A 486 -2.52 -34.24 3.83
CA PRO A 486 -3.23 -33.04 3.38
C PRO A 486 -4.36 -32.66 4.31
N GLN A 487 -4.71 -33.50 5.28
CA GLN A 487 -5.74 -33.10 6.21
C GLN A 487 -5.29 -31.98 7.17
N SER A 488 -3.99 -31.74 7.38
CA SER A 488 -3.50 -30.68 8.25
C SER A 488 -2.24 -29.97 7.69
N ALA A 489 -1.82 -30.33 6.48
CA ALA A 489 -0.64 -29.73 5.92
C ALA A 489 -0.76 -29.48 4.43
N VAL A 490 0.21 -28.75 3.87
CA VAL A 490 0.18 -28.46 2.46
C VAL A 490 1.29 -29.13 1.67
N VAL A 491 2.47 -29.31 2.25
CA VAL A 491 3.57 -30.04 1.62
C VAL A 491 4.11 -31.22 2.50
N ASP A 492 4.68 -32.22 1.84
CA ASP A 492 5.17 -33.43 2.49
C ASP A 492 6.63 -33.28 2.84
N SER A 493 7.23 -34.37 3.28
CA SER A 493 8.64 -34.28 3.69
C SER A 493 9.64 -33.90 2.60
N ASN A 494 9.23 -33.96 1.33
CA ASN A 494 10.06 -33.53 0.21
C ASN A 494 9.65 -32.12 -0.30
N VAL A 495 8.93 -31.43 0.56
CA VAL A 495 8.28 -30.14 0.32
C VAL A 495 7.46 -30.11 -0.98
N LYS A 496 6.91 -31.27 -1.36
CA LYS A 496 6.02 -31.33 -2.52
C LYS A 496 4.59 -31.05 -2.08
N VAL A 497 3.91 -30.26 -2.89
CA VAL A 497 2.50 -29.96 -2.64
C VAL A 497 1.64 -31.24 -2.78
N PHE A 498 0.90 -31.60 -1.71
CA PHE A 498 -0.03 -32.73 -1.79
C PHE A 498 -0.95 -32.65 -3.02
N GLY A 499 -1.10 -33.76 -3.73
CA GLY A 499 -1.92 -33.80 -4.92
C GLY A 499 -1.24 -33.40 -6.22
N THR A 500 0.03 -33.02 -6.14
CA THR A 500 0.75 -32.65 -7.35
C THR A 500 1.92 -33.58 -7.63
N ASN A 501 2.32 -33.66 -8.90
CA ASN A 501 3.45 -34.47 -9.26
C ASN A 501 4.83 -33.75 -9.02
N ASN A 502 4.84 -32.43 -9.18
CA ASN A 502 6.06 -31.69 -9.44
C ASN A 502 6.02 -30.22 -9.02
N LEU A 503 5.16 -29.92 -8.06
CA LEU A 503 5.03 -28.61 -7.44
C LEU A 503 5.56 -28.67 -6.02
N PHE A 504 6.45 -27.73 -5.75
CA PHE A 504 7.14 -27.67 -4.47
C PHE A 504 7.11 -26.28 -3.85
N ILE A 505 7.39 -26.18 -2.55
CA ILE A 505 7.49 -24.86 -1.87
C ILE A 505 8.74 -24.75 -1.00
N VAL A 506 9.50 -23.69 -1.20
CA VAL A 506 10.69 -23.40 -0.40
C VAL A 506 10.68 -21.94 0.02
N ASP A 507 9.99 -21.68 1.15
CA ASP A 507 9.87 -20.38 1.78
C ASP A 507 9.32 -20.55 3.17
N ALA A 508 9.11 -19.47 3.85
CA ALA A 508 8.73 -19.51 5.25
C ALA A 508 7.40 -20.26 5.55
N GLY A 509 6.53 -20.31 4.56
CA GLY A 509 5.30 -21.05 4.70
C GLY A 509 5.44 -22.51 5.10
N ILE A 510 6.54 -23.16 4.73
CA ILE A 510 6.68 -24.51 5.13
C ILE A 510 7.02 -24.72 6.59
N ILE A 511 7.61 -23.73 7.26
CA ILE A 511 8.07 -23.89 8.65
C ILE A 511 6.85 -24.14 9.52
N PRO A 512 6.83 -25.24 10.32
CA PRO A 512 5.62 -25.64 11.03
C PRO A 512 5.35 -24.88 12.29
N HIS A 513 6.37 -24.17 12.83
CA HIS A 513 6.21 -23.40 14.04
C HIS A 513 7.31 -22.35 14.09
N LEU A 514 7.02 -21.20 14.65
CA LEU A 514 8.09 -20.21 14.89
C LEU A 514 9.25 -20.85 15.62
N PRO A 515 10.47 -20.54 15.20
CA PRO A 515 11.67 -20.93 15.91
C PRO A 515 11.92 -19.99 17.11
N THR A 516 12.96 -20.27 17.90
CA THR A 516 13.21 -19.49 19.10
C THR A 516 13.54 -18.04 18.78
N GLY A 517 14.42 -17.82 17.83
CA GLY A 517 14.74 -16.45 17.56
C GLY A 517 14.09 -15.95 16.28
N ASN A 518 14.46 -14.74 15.86
CA ASN A 518 14.02 -14.20 14.57
C ASN A 518 14.32 -15.30 13.52
N PRO A 519 13.40 -15.53 12.59
CA PRO A 519 13.45 -16.77 11.78
C PRO A 519 14.32 -16.91 10.59
N GLN A 520 14.99 -15.89 10.10
CA GLN A 520 15.66 -16.06 8.83
C GLN A 520 16.78 -17.14 8.85
N GLY A 521 17.46 -17.29 9.96
CA GLY A 521 18.47 -18.36 10.07
C GLY A 521 17.91 -19.77 9.94
N THR A 522 16.72 -19.92 10.52
CA THR A 522 15.99 -21.19 10.51
C THR A 522 15.53 -21.44 9.09
N LEU A 523 14.98 -20.41 8.47
CA LEU A 523 14.51 -20.54 7.11
C LEU A 523 15.67 -20.95 6.17
N MET A 524 16.80 -20.29 6.28
CA MET A 524 17.86 -20.50 5.35
C MET A 524 18.46 -21.91 5.53
N SER A 525 18.50 -22.39 6.77
CA SER A 525 18.90 -23.80 7.02
C SER A 525 17.84 -24.76 6.38
N ALA A 526 16.56 -24.45 6.56
CA ALA A 526 15.52 -25.23 5.97
C ALA A 526 15.59 -25.29 4.45
N ALA A 527 16.01 -24.16 3.83
CA ALA A 527 16.11 -24.09 2.36
C ALA A 527 17.24 -24.97 1.87
N GLU A 528 18.36 -25.00 2.61
CA GLU A 528 19.42 -25.94 2.28
C GLU A 528 18.88 -27.41 2.31
N GLN A 529 18.21 -27.75 3.40
CA GLN A 529 17.66 -29.09 3.54
C GLN A 529 16.65 -29.41 2.45
N ALA A 530 15.78 -28.43 2.16
CA ALA A 530 14.74 -28.60 1.14
C ALA A 530 15.37 -28.93 -0.20
N ALA A 531 16.38 -28.15 -0.54
CA ALA A 531 17.05 -28.36 -1.84
C ALA A 531 17.61 -29.77 -1.88
N ALA A 532 18.18 -30.24 -0.78
CA ALA A 532 18.71 -31.61 -0.80
C ALA A 532 17.60 -32.65 -0.96
N LYS A 533 16.49 -32.46 -0.25
CA LYS A 533 15.38 -33.42 -0.39
C LYS A 533 14.85 -33.45 -1.82
N ILE A 534 14.77 -32.29 -2.44
CA ILE A 534 14.23 -32.20 -3.80
C ILE A 534 15.15 -32.95 -4.78
N LEU A 535 16.46 -32.78 -4.64
CA LEU A 535 17.44 -33.43 -5.52
C LEU A 535 17.40 -34.95 -5.34
N ALA A 536 17.15 -35.37 -4.11
CA ALA A 536 17.11 -36.80 -3.79
C ALA A 536 15.80 -37.48 -4.13
N LEU A 537 14.77 -36.73 -4.44
CA LEU A 537 13.49 -37.28 -4.82
C LEU A 537 13.47 -37.78 -6.28
N ALA A 538 13.31 -39.09 -6.39
CA ALA A 538 13.35 -39.82 -7.66
C ALA A 538 12.31 -39.31 -8.65
N GLY A 539 12.67 -39.31 -9.94
CA GLY A 539 11.70 -38.91 -10.98
C GLY A 539 11.78 -37.47 -11.44
N GLY A 540 12.80 -36.82 -10.93
CA GLY A 540 13.07 -35.42 -11.25
C GLY A 540 13.96 -35.26 -12.45
N PRO A 541 14.21 -34.03 -12.81
CA PRO A 541 15.00 -33.74 -13.99
C PRO A 541 16.45 -33.80 -13.70
N THR B 1 14.99 30.80 -1.19
CA THR B 1 14.03 31.63 -1.93
C THR B 1 12.67 31.80 -1.21
N PRO B 2 12.25 33.03 -0.92
CA PRO B 2 10.87 33.23 -0.43
C PRO B 2 9.85 33.35 -1.58
N TYR B 3 8.63 32.85 -1.34
CA TYR B 3 7.60 32.90 -2.36
C TYR B 3 6.32 33.58 -1.88
N ASP B 4 5.62 34.23 -2.81
CA ASP B 4 4.33 34.82 -2.51
C ASP B 4 3.32 33.76 -2.19
N TYR B 5 3.31 32.65 -2.96
CA TYR B 5 2.43 31.51 -2.67
C TYR B 5 3.25 30.20 -2.72
N ILE B 6 3.16 29.38 -1.68
CA ILE B 6 3.70 28.02 -1.72
C ILE B 6 2.48 27.14 -1.78
N ILE B 7 2.30 26.37 -2.87
CA ILE B 7 1.15 25.53 -3.08
C ILE B 7 1.63 24.08 -2.98
N VAL B 8 1.00 23.34 -2.08
CA VAL B 8 1.36 21.93 -1.78
C VAL B 8 0.40 20.95 -2.38
N GLY B 9 0.84 20.33 -3.47
CA GLY B 9 0.10 19.27 -4.13
C GLY B 9 -0.31 19.64 -5.52
N ALA B 10 0.20 18.93 -6.51
CA ALA B 10 -0.09 19.20 -7.89
C ALA B 10 -1.22 18.30 -8.42
N GLY B 11 -2.31 18.36 -7.68
CA GLY B 11 -3.60 17.82 -8.10
C GLY B 11 -4.38 18.89 -8.83
N PRO B 12 -5.67 18.66 -9.11
CA PRO B 12 -6.47 19.66 -9.82
C PRO B 12 -6.59 21.00 -9.03
N GLY B 13 -6.84 20.93 -7.72
CA GLY B 13 -6.91 22.18 -6.96
C GLY B 13 -5.60 22.96 -7.01
N GLY B 14 -4.48 22.27 -6.78
CA GLY B 14 -3.21 22.94 -6.71
C GLY B 14 -2.69 23.47 -8.04
N ILE B 15 -2.87 22.73 -9.11
CA ILE B 15 -2.43 23.19 -10.42
C ILE B 15 -3.23 24.40 -10.86
N ILE B 16 -4.54 24.38 -10.61
CA ILE B 16 -5.40 25.48 -11.03
C ILE B 16 -5.05 26.70 -10.26
N ALA B 17 -4.90 26.57 -8.94
CA ALA B 17 -4.45 27.66 -8.13
C ALA B 17 -3.10 28.22 -8.60
N ALA B 18 -2.16 27.33 -8.86
CA ALA B 18 -0.83 27.76 -9.27
C ALA B 18 -0.86 28.55 -10.57
N ASP B 19 -1.71 28.12 -11.52
CA ASP B 19 -1.85 28.75 -12.79
C ASP B 19 -2.51 30.12 -12.68
N ARG B 20 -3.64 30.25 -11.98
CA ARG B 20 -4.33 31.53 -11.81
C ARG B 20 -3.53 32.55 -11.02
N LEU B 21 -2.79 32.11 -10.02
CA LEU B 21 -2.02 33.03 -9.18
C LEU B 21 -0.75 33.50 -9.89
N SER B 22 -0.12 32.59 -10.62
CA SER B 22 1.07 32.93 -11.40
C SER B 22 0.66 33.83 -12.55
N GLU B 23 -0.52 33.63 -13.08
CA GLU B 23 -1.04 34.43 -14.14
C GLU B 23 -1.20 35.86 -13.64
N ALA B 24 -1.54 35.99 -12.39
CA ALA B 24 -1.74 37.30 -11.82
C ALA B 24 -0.41 37.99 -11.48
N GLY B 25 0.70 37.35 -11.79
CA GLY B 25 2.02 37.91 -11.54
C GLY B 25 2.68 37.60 -10.20
N LYS B 26 2.07 36.72 -9.43
CA LYS B 26 2.60 36.38 -8.11
C LYS B 26 3.71 35.37 -8.23
N LYS B 27 4.68 35.45 -7.33
CA LYS B 27 5.77 34.54 -7.28
C LYS B 27 5.32 33.22 -6.62
N VAL B 28 5.16 32.19 -7.45
CA VAL B 28 4.51 30.95 -6.99
C VAL B 28 5.40 29.73 -7.06
N LEU B 29 5.37 28.93 -5.97
CA LEU B 29 6.05 27.64 -5.87
C LEU B 29 5.02 26.52 -5.75
N LEU B 30 5.07 25.54 -6.68
CA LEU B 30 4.16 24.40 -6.61
C LEU B 30 5.03 23.20 -6.27
N LEU B 31 4.68 22.55 -5.17
CA LEU B 31 5.40 21.39 -4.73
C LEU B 31 4.54 20.11 -4.96
N GLU B 32 5.18 19.01 -5.32
CA GLU B 32 4.51 17.75 -5.60
C GLU B 32 5.42 16.59 -5.03
N ARG B 33 4.84 15.78 -4.17
CA ARG B 33 5.58 14.69 -3.52
C ARG B 33 5.97 13.61 -4.51
N GLY B 34 5.13 13.41 -5.49
CA GLY B 34 5.43 12.35 -6.48
C GLY B 34 6.22 12.75 -7.69
N GLY B 35 6.36 11.81 -8.65
CA GLY B 35 7.19 12.01 -9.82
C GLY B 35 6.32 12.24 -11.08
N PRO B 36 6.91 12.24 -12.26
CA PRO B 36 6.16 12.47 -13.50
C PRO B 36 5.06 11.49 -13.77
N SER B 37 4.15 11.89 -14.63
CA SER B 37 3.01 11.14 -15.03
C SER B 37 3.02 10.97 -16.57
N THR B 38 2.38 11.87 -17.29
CA THR B 38 2.26 11.74 -18.72
C THR B 38 3.61 12.11 -19.41
N LYS B 39 3.68 11.76 -20.67
CA LYS B 39 4.87 12.07 -21.48
C LYS B 39 5.37 13.52 -21.34
N GLN B 40 4.46 14.50 -21.42
CA GLN B 40 4.90 15.89 -21.40
C GLN B 40 5.49 16.30 -20.03
N THR B 41 5.19 15.52 -18.99
CA THR B 41 5.77 15.81 -17.67
C THR B 41 7.13 15.11 -17.46
N GLY B 42 7.58 14.32 -18.43
CA GLY B 42 8.84 13.57 -18.30
C GLY B 42 8.51 12.09 -17.99
N GLY B 43 7.27 11.70 -18.11
CA GLY B 43 6.86 10.33 -17.80
C GLY B 43 7.37 9.32 -18.84
N THR B 44 7.85 8.17 -18.41
CA THR B 44 8.36 7.13 -19.30
C THR B 44 7.73 5.74 -19.12
N TYR B 45 6.62 5.66 -18.43
CA TYR B 45 5.97 4.36 -18.21
C TYR B 45 5.02 4.03 -19.39
N VAL B 46 5.60 3.42 -20.42
CA VAL B 46 4.95 3.24 -21.74
C VAL B 46 4.73 1.78 -22.05
N ALA B 47 3.51 1.43 -22.50
CA ALA B 47 3.17 0.07 -22.86
C ALA B 47 4.14 -0.35 -23.97
N PRO B 48 4.50 -1.62 -24.05
CA PRO B 48 5.44 -2.04 -25.07
C PRO B 48 4.92 -1.77 -26.49
N TRP B 49 3.63 -1.79 -26.73
CA TRP B 49 3.07 -1.51 -28.05
C TRP B 49 3.11 0.00 -28.41
N ALA B 50 3.29 0.85 -27.42
CA ALA B 50 3.28 2.30 -27.60
C ALA B 50 4.64 2.95 -27.53
N THR B 51 5.68 2.13 -27.48
CA THR B 51 7.06 2.62 -27.33
C THR B 51 7.42 3.80 -28.28
N SER B 52 7.07 3.68 -29.54
CA SER B 52 7.54 4.68 -30.49
C SER B 52 6.81 6.00 -30.29
N SER B 53 5.62 6.02 -29.69
CA SER B 53 4.92 7.26 -29.41
C SER B 53 5.35 7.93 -28.11
N GLY B 54 5.91 7.16 -27.19
CA GLY B 54 6.20 7.64 -25.85
C GLY B 54 4.98 7.92 -24.98
N LEU B 55 3.77 7.56 -25.42
CA LEU B 55 2.56 7.87 -24.68
C LEU B 55 2.48 6.86 -23.52
N THR B 56 2.34 7.38 -22.31
CA THR B 56 2.41 6.54 -21.13
C THR B 56 1.08 5.92 -20.75
N LYS B 57 1.08 5.11 -19.70
CA LYS B 57 -0.16 4.56 -19.16
C LYS B 57 -1.21 5.63 -18.80
N PHE B 58 -0.74 6.78 -18.39
CA PHE B 58 -1.56 7.86 -17.96
C PHE B 58 -2.07 8.70 -19.14
N ASP B 59 -1.35 8.69 -20.25
CA ASP B 59 -1.74 9.47 -21.41
C ASP B 59 -2.97 8.87 -22.16
N ILE B 60 -3.03 7.53 -22.24
CA ILE B 60 -3.95 6.83 -23.11
C ILE B 60 -5.21 6.45 -22.37
N PRO B 61 -6.31 7.11 -22.68
CA PRO B 61 -7.56 6.86 -21.95
C PRO B 61 -7.95 5.40 -21.81
N GLY B 62 -7.83 4.61 -22.87
CA GLY B 62 -8.22 3.23 -22.80
C GLY B 62 -7.40 2.39 -21.88
N LEU B 63 -6.23 2.87 -21.47
CA LEU B 63 -5.44 2.13 -20.47
C LEU B 63 -5.93 2.36 -19.00
N PHE B 64 -6.99 3.19 -18.81
CA PHE B 64 -7.52 3.48 -17.47
C PHE B 64 -7.70 2.27 -16.60
N GLU B 65 -8.42 1.25 -17.09
CA GLU B 65 -8.69 0.09 -16.25
C GLU B 65 -7.40 -0.63 -15.85
N SER B 66 -6.35 -0.51 -16.67
CA SER B 66 -5.08 -1.19 -16.36
C SER B 66 -4.33 -0.50 -15.19
N LEU B 67 -4.80 0.68 -14.78
CA LEU B 67 -4.24 1.31 -13.59
C LEU B 67 -4.53 0.47 -12.31
N PHE B 68 -5.51 -0.42 -12.33
CA PHE B 68 -5.86 -1.26 -11.20
C PHE B 68 -5.36 -2.69 -11.25
N THR B 69 -4.73 -3.05 -12.35
CA THR B 69 -4.35 -4.42 -12.64
C THR B 69 -2.84 -4.56 -12.98
N ASP B 70 -2.06 -3.56 -12.64
CA ASP B 70 -0.64 -3.54 -12.81
C ASP B 70 0.03 -4.24 -11.64
N SER B 71 1.07 -5.00 -11.93
CA SER B 71 1.79 -5.73 -10.85
C SER B 71 2.62 -4.79 -9.99
N ASN B 72 2.84 -3.55 -10.42
CA ASN B 72 3.66 -2.63 -9.63
C ASN B 72 3.17 -1.18 -9.73
N PRO B 73 2.03 -0.90 -9.14
CA PRO B 73 1.45 0.44 -9.25
C PRO B 73 2.04 1.54 -8.41
N PHE B 74 3.06 2.16 -9.01
CA PHE B 74 3.82 3.18 -8.31
C PHE B 74 3.08 4.53 -8.15
N TRP B 75 1.93 4.66 -8.79
CA TRP B 75 1.21 5.90 -8.78
C TRP B 75 0.31 6.14 -7.60
N TRP B 76 0.03 5.12 -6.82
CA TRP B 76 -0.84 5.25 -5.64
C TRP B 76 -0.02 5.78 -4.47
N CYS B 77 -0.61 6.64 -3.66
CA CYS B 77 0.02 7.18 -2.49
C CYS B 77 0.29 5.98 -1.55
N LYS B 78 1.55 5.80 -1.17
CA LYS B 78 1.96 4.64 -0.38
C LYS B 78 1.63 4.67 1.10
N ASP B 79 1.16 5.82 1.57
CA ASP B 79 0.87 6.05 2.92
C ASP B 79 -0.59 6.42 3.13
N ILE B 80 -1.45 6.13 2.16
CA ILE B 80 -2.88 6.28 2.33
C ILE B 80 -3.50 4.93 2.01
N THR B 81 -4.49 4.53 2.82
CA THR B 81 -5.05 3.17 2.79
C THR B 81 -6.12 2.93 1.72
N VAL B 82 -6.56 3.99 1.06
CA VAL B 82 -7.46 3.93 -0.08
C VAL B 82 -6.83 4.66 -1.28
N PHE B 83 -7.42 4.51 -2.46
CA PHE B 83 -6.85 5.09 -3.68
C PHE B 83 -6.71 6.58 -3.64
N ALA B 84 -5.51 7.06 -3.91
CA ALA B 84 -5.17 8.47 -4.13
C ALA B 84 -3.93 8.47 -5.05
N GLY B 85 -3.96 9.34 -6.07
CA GLY B 85 -2.83 9.56 -6.98
C GLY B 85 -1.73 10.43 -6.37
N CYS B 86 -0.54 9.88 -6.30
CA CYS B 86 0.64 10.62 -5.82
C CYS B 86 1.65 10.69 -6.91
N LEU B 87 1.44 11.67 -7.79
CA LEU B 87 2.25 11.93 -8.97
C LEU B 87 1.77 13.25 -9.59
N VAL B 88 2.47 13.79 -10.59
CA VAL B 88 2.03 15.07 -11.19
C VAL B 88 0.63 14.91 -11.74
N GLY B 89 -0.30 15.74 -11.25
CA GLY B 89 -1.69 15.70 -11.64
C GLY B 89 -2.60 15.06 -10.59
N GLY B 90 -2.00 14.40 -9.60
CA GLY B 90 -2.77 13.69 -8.59
C GLY B 90 -3.81 12.75 -9.18
N GLY B 91 -5.00 12.77 -8.60
CA GLY B 91 -6.09 11.95 -9.10
C GLY B 91 -6.40 12.18 -10.58
N THR B 92 -6.14 13.37 -11.13
CA THR B 92 -6.48 13.59 -12.53
C THR B 92 -5.57 12.84 -13.46
N SER B 93 -4.44 12.35 -12.98
CA SER B 93 -3.58 11.54 -13.83
C SER B 93 -3.93 10.05 -13.86
N VAL B 94 -4.75 9.59 -12.90
CA VAL B 94 -5.09 8.21 -12.75
C VAL B 94 -6.61 7.94 -12.65
N ASN B 95 -7.44 8.95 -12.85
CA ASN B 95 -8.86 8.78 -12.73
C ASN B 95 -9.57 8.35 -14.05
N GLY B 96 -10.84 8.04 -13.92
CA GLY B 96 -11.66 7.64 -15.03
C GLY B 96 -11.95 8.80 -15.95
N ALA B 97 -11.69 10.01 -15.47
CA ALA B 97 -11.85 11.22 -16.24
C ALA B 97 -13.27 11.66 -16.55
N LEU B 98 -14.22 11.04 -15.89
CA LEU B 98 -15.63 11.41 -16.10
C LEU B 98 -15.72 12.90 -15.66
N TYR B 99 -16.34 13.69 -16.50
CA TYR B 99 -16.19 15.15 -16.42
C TYR B 99 -17.53 15.78 -16.63
N TRP B 100 -18.08 16.33 -15.54
CA TRP B 100 -19.38 16.93 -15.59
C TRP B 100 -19.29 18.36 -15.06
N TYR B 101 -19.65 19.35 -15.91
CA TYR B 101 -19.69 20.73 -15.40
C TYR B 101 -20.65 20.77 -14.21
N PRO B 102 -20.36 21.51 -13.18
CA PRO B 102 -21.30 21.55 -12.07
C PRO B 102 -22.60 22.23 -12.43
N ASN B 103 -23.66 21.83 -11.74
CA ASN B 103 -24.96 22.47 -11.87
C ASN B 103 -25.13 23.49 -10.74
N ASP B 104 -26.15 24.35 -10.83
CA ASP B 104 -26.30 25.41 -9.83
C ASP B 104 -26.46 24.82 -8.41
N GLY B 105 -27.19 23.73 -8.31
CA GLY B 105 -27.42 23.09 -6.99
C GLY B 105 -26.11 22.55 -6.38
N ASP B 106 -25.12 22.20 -7.20
CA ASP B 106 -23.81 21.74 -6.68
C ASP B 106 -23.13 22.87 -5.91
N PHE B 107 -23.45 24.11 -6.27
CA PHE B 107 -22.89 25.32 -5.58
C PHE B 107 -23.91 26.08 -4.76
N SER B 108 -24.96 25.38 -4.40
CA SER B 108 -26.03 26.04 -3.59
C SER B 108 -25.68 26.28 -2.13
N SER B 109 -26.26 27.36 -1.58
CA SER B 109 -26.09 27.59 -0.19
C SER B 109 -26.83 26.51 0.61
N SER B 110 -27.81 25.82 0.00
CA SER B 110 -28.51 24.81 0.79
C SER B 110 -27.64 23.57 0.98
N VAL B 111 -26.52 23.44 0.26
CA VAL B 111 -25.63 22.28 0.50
C VAL B 111 -24.38 22.69 1.28
N GLY B 112 -24.34 23.94 1.74
CA GLY B 112 -23.24 24.38 2.56
C GLY B 112 -22.36 25.52 2.11
N TRP B 113 -22.42 25.89 0.84
CA TRP B 113 -21.57 26.96 0.35
C TRP B 113 -22.04 28.30 0.89
N PRO B 114 -21.10 29.20 1.24
CA PRO B 114 -21.45 30.56 1.56
C PRO B 114 -22.14 31.23 0.36
N SER B 115 -22.96 32.23 0.62
CA SER B 115 -23.65 33.01 -0.45
C SER B 115 -22.74 33.51 -1.52
N SER B 116 -21.57 33.97 -1.12
CA SER B 116 -20.61 34.54 -2.04
C SER B 116 -20.01 33.50 -3.03
N TRP B 117 -20.39 32.21 -2.91
CA TRP B 117 -19.89 31.16 -3.77
C TRP B 117 -20.91 30.66 -4.78
N THR B 118 -22.18 31.00 -4.57
CA THR B 118 -23.24 30.33 -5.32
C THR B 118 -23.24 30.62 -6.80
N ASN B 119 -22.77 31.81 -7.19
CA ASN B 119 -22.71 32.23 -8.58
C ASN B 119 -21.47 31.61 -9.15
N HIS B 120 -21.53 30.33 -9.45
CA HIS B 120 -20.36 29.59 -9.94
C HIS B 120 -20.13 29.80 -11.45
N ALA B 121 -21.15 30.27 -12.17
CA ALA B 121 -21.07 30.43 -13.66
C ALA B 121 -19.81 31.05 -14.25
N PRO B 122 -19.30 32.16 -13.71
CA PRO B 122 -18.06 32.75 -14.25
C PRO B 122 -16.88 31.80 -14.23
N TYR B 123 -16.83 31.02 -13.15
CA TYR B 123 -15.73 30.11 -12.95
C TYR B 123 -15.88 28.84 -13.68
N THR B 124 -17.10 28.34 -13.74
CA THR B 124 -17.38 27.18 -14.53
C THR B 124 -17.11 27.51 -15.98
N SER B 125 -17.44 28.73 -16.39
CA SER B 125 -17.11 29.14 -17.76
C SER B 125 -15.59 29.17 -18.03
N LYS B 126 -14.81 29.68 -17.09
CA LYS B 126 -13.35 29.70 -17.30
C LYS B 126 -12.85 28.24 -17.46
N LEU B 127 -13.38 27.32 -16.65
CA LEU B 127 -13.02 25.88 -16.76
C LEU B 127 -13.35 25.28 -18.12
N SER B 128 -14.59 25.52 -18.57
CA SER B 128 -15.04 25.02 -19.87
C SER B 128 -14.20 25.53 -21.02
N SER B 129 -13.60 26.71 -20.86
CA SER B 129 -12.76 27.27 -21.89
C SER B 129 -11.38 26.61 -21.88
N ARG B 130 -10.87 26.17 -20.73
CA ARG B 130 -9.60 25.48 -20.68
C ARG B 130 -9.73 24.01 -21.06
N LEU B 131 -10.85 23.43 -20.66
CA LEU B 131 -11.10 22.00 -20.79
C LEU B 131 -12.55 21.77 -21.27
N PRO B 132 -12.75 21.94 -22.53
CA PRO B 132 -14.08 21.73 -23.10
C PRO B 132 -14.47 20.23 -23.01
N SER B 133 -15.66 19.98 -22.50
CA SER B 133 -16.19 18.63 -22.47
C SER B 133 -16.24 17.98 -23.84
N THR B 134 -15.99 16.69 -23.86
CA THR B 134 -16.22 15.90 -25.03
C THR B 134 -16.84 14.55 -24.66
N ASP B 135 -17.97 14.21 -25.30
CA ASP B 135 -18.51 12.86 -25.17
C ASP B 135 -18.20 12.00 -26.42
N HIS B 136 -17.29 12.49 -27.22
CA HIS B 136 -16.78 11.74 -28.38
C HIS B 136 -15.23 12.00 -28.47
N PRO B 137 -14.43 11.56 -27.47
CA PRO B 137 -13.02 11.93 -27.41
C PRO B 137 -12.16 11.47 -28.59
N SER B 138 -12.58 10.42 -29.32
CA SER B 138 -11.79 9.93 -30.46
C SER B 138 -11.59 11.08 -31.45
N THR B 139 -10.37 11.28 -31.94
CA THR B 139 -10.14 12.45 -32.81
C THR B 139 -10.95 12.42 -34.12
N ASP B 140 -11.44 11.25 -34.51
CA ASP B 140 -12.25 11.15 -35.73
C ASP B 140 -13.70 11.48 -35.49
N GLY B 141 -14.05 11.83 -34.26
CA GLY B 141 -15.40 12.20 -33.84
C GLY B 141 -16.38 11.06 -33.68
N GLN B 142 -15.91 9.83 -33.88
CA GLN B 142 -16.82 8.68 -33.79
C GLN B 142 -16.68 8.12 -32.39
N ARG B 143 -17.59 7.22 -32.03
CA ARG B 143 -17.62 6.62 -30.72
C ARG B 143 -17.42 5.12 -30.94
N TYR B 144 -16.78 4.51 -29.96
CA TYR B 144 -16.32 3.13 -30.00
C TYR B 144 -16.70 2.32 -28.77
N LEU B 145 -16.97 1.04 -29.00
CA LEU B 145 -17.22 0.05 -27.96
C LEU B 145 -18.43 0.49 -27.13
N GLU B 146 -19.50 0.83 -27.85
CA GLU B 146 -20.70 1.44 -27.27
C GLU B 146 -21.85 0.42 -27.06
N GLN B 147 -21.58 -0.88 -27.25
CA GLN B 147 -22.66 -1.89 -27.02
C GLN B 147 -23.40 -1.80 -25.66
N SER B 148 -22.66 -1.53 -24.57
CA SER B 148 -23.28 -1.39 -23.26
C SER B 148 -24.18 -0.15 -23.20
N PHE B 149 -23.79 0.87 -23.90
CA PHE B 149 -24.62 2.12 -24.03
C PHE B 149 -25.92 1.75 -24.71
N ASN B 150 -25.83 1.02 -25.78
CA ASN B 150 -26.99 0.66 -26.53
C ASN B 150 -28.02 -0.15 -25.72
N VAL B 151 -27.51 -1.09 -24.93
CA VAL B 151 -28.40 -1.93 -24.15
C VAL B 151 -29.03 -1.09 -23.02
N VAL B 152 -28.22 -0.34 -22.31
CA VAL B 152 -28.80 0.41 -21.16
C VAL B 152 -29.68 1.58 -21.67
N SER B 153 -29.36 2.15 -22.85
CA SER B 153 -30.24 3.16 -23.40
C SER B 153 -31.63 2.60 -23.57
N GLN B 154 -31.75 1.42 -24.17
CA GLN B 154 -33.06 0.82 -24.31
C GLN B 154 -33.74 0.62 -22.96
N LEU B 155 -32.99 0.16 -21.98
CA LEU B 155 -33.51 -0.07 -20.64
C LEU B 155 -34.07 1.24 -20.07
N LEU B 156 -33.25 2.29 -20.11
CA LEU B 156 -33.66 3.52 -19.53
C LEU B 156 -34.84 4.24 -20.25
N LYS B 157 -34.89 4.08 -21.58
CA LYS B 157 -35.96 4.70 -22.35
C LYS B 157 -37.22 4.08 -21.84
N GLY B 158 -37.17 2.79 -21.55
CA GLY B 158 -38.35 2.13 -21.03
C GLY B 158 -38.77 2.64 -19.64
N GLN B 159 -37.84 3.29 -18.93
CA GLN B 159 -38.07 3.90 -17.65
C GLN B 159 -38.34 5.41 -17.79
N GLY B 160 -38.57 5.87 -19.01
CA GLY B 160 -38.95 7.25 -19.24
C GLY B 160 -37.80 8.21 -19.29
N TYR B 161 -36.55 7.70 -19.36
CA TYR B 161 -35.45 8.63 -19.45
C TYR B 161 -35.34 9.27 -20.82
N ASN B 162 -34.75 10.46 -20.86
CA ASN B 162 -34.42 11.15 -22.09
C ASN B 162 -32.91 11.24 -22.29
N GLN B 163 -32.46 11.14 -23.53
CA GLN B 163 -31.06 11.29 -23.81
C GLN B 163 -30.75 12.75 -24.03
N ALA B 164 -29.55 13.10 -23.62
CA ALA B 164 -28.99 14.43 -23.84
C ALA B 164 -27.49 14.43 -23.94
N THR B 165 -26.96 15.49 -24.50
CA THR B 165 -25.53 15.77 -24.42
C THR B 165 -25.40 16.42 -23.04
N ILE B 166 -24.89 15.67 -22.09
CA ILE B 166 -25.05 16.03 -20.64
C ILE B 166 -24.64 17.47 -20.31
N ASN B 167 -23.42 17.79 -20.74
CA ASN B 167 -22.75 19.06 -20.42
C ASN B 167 -23.27 20.24 -21.22
N ASP B 168 -24.14 20.01 -22.19
CA ASP B 168 -24.80 21.14 -22.85
C ASP B 168 -25.80 21.82 -21.89
N ASN B 169 -26.26 21.12 -20.85
CA ASN B 169 -27.20 21.68 -19.89
C ASN B 169 -27.01 20.96 -18.58
N PRO B 170 -26.07 21.43 -17.80
CA PRO B 170 -25.70 20.77 -16.53
C PRO B 170 -26.84 20.70 -15.55
N ASN B 171 -27.78 21.65 -15.62
CA ASN B 171 -28.86 21.65 -14.62
C ASN B 171 -29.89 20.54 -14.92
N TYR B 172 -29.87 19.98 -16.11
CA TYR B 172 -30.86 19.02 -16.55
C TYR B 172 -30.35 17.63 -16.27
N LYS B 173 -30.82 17.03 -15.18
CA LYS B 173 -30.31 15.74 -14.69
C LYS B 173 -31.33 14.66 -14.43
N ASP B 174 -32.48 15.00 -13.88
CA ASP B 174 -33.51 14.04 -13.57
C ASP B 174 -34.01 13.30 -14.79
N HIS B 175 -33.84 11.98 -14.76
CA HIS B 175 -34.28 11.12 -15.83
C HIS B 175 -33.56 11.50 -17.14
N VAL B 176 -32.25 11.79 -17.00
CA VAL B 176 -31.41 12.06 -18.10
C VAL B 176 -30.28 11.01 -18.23
N PHE B 177 -29.99 10.60 -19.47
CA PHE B 177 -28.79 9.82 -19.72
C PHE B 177 -28.10 10.33 -20.94
N GLY B 178 -26.81 9.99 -21.08
CA GLY B 178 -26.02 10.40 -22.20
C GLY B 178 -24.71 9.65 -22.26
N TYR B 179 -24.00 9.82 -23.38
CA TYR B 179 -22.65 9.27 -23.52
C TYR B 179 -21.72 9.90 -22.48
N SER B 180 -20.82 9.07 -21.94
CA SER B 180 -19.80 9.51 -20.99
C SER B 180 -19.05 10.68 -21.56
N ALA B 181 -18.83 11.68 -20.69
CA ALA B 181 -18.08 12.87 -21.05
C ALA B 181 -16.78 12.89 -20.26
N PHE B 182 -15.73 13.37 -20.93
CA PHE B 182 -14.37 13.42 -20.44
C PHE B 182 -13.69 14.76 -20.70
N ASP B 183 -12.72 15.12 -19.86
CA ASP B 183 -11.93 16.30 -20.17
C ASP B 183 -10.61 15.93 -20.91
N PHE B 184 -10.79 15.30 -22.07
CA PHE B 184 -9.66 14.94 -22.90
C PHE B 184 -9.48 15.95 -24.00
N LEU B 185 -8.31 15.88 -24.63
CA LEU B 185 -7.96 16.72 -25.75
C LEU B 185 -7.10 15.88 -26.68
N ASN B 186 -7.41 15.95 -27.96
CA ASN B 186 -6.66 15.24 -29.01
C ASN B 186 -6.57 13.75 -28.71
N GLY B 187 -7.61 13.19 -28.12
CA GLY B 187 -7.66 11.76 -27.98
C GLY B 187 -6.82 11.23 -26.84
N LYS B 188 -6.29 12.16 -26.05
CA LYS B 188 -5.46 11.84 -24.92
C LYS B 188 -5.99 12.43 -23.63
N ARG B 189 -5.55 11.84 -22.53
CA ARG B 189 -5.80 12.40 -21.22
C ARG B 189 -5.31 13.86 -21.24
N ALA B 190 -6.07 14.78 -20.62
CA ALA B 190 -5.69 16.17 -20.60
C ALA B 190 -5.78 16.74 -19.23
N GLY B 191 -6.94 17.24 -18.83
CA GLY B 191 -7.07 17.75 -17.47
C GLY B 191 -6.09 18.89 -17.19
N PRO B 192 -5.95 19.29 -15.93
CA PRO B 192 -5.02 20.36 -15.58
C PRO B 192 -3.59 20.19 -16.01
N VAL B 193 -3.11 18.98 -16.07
CA VAL B 193 -1.74 18.78 -16.45
C VAL B 193 -1.42 19.32 -17.84
N ALA B 194 -2.32 19.09 -18.80
CA ALA B 194 -2.13 19.44 -20.20
C ALA B 194 -2.53 20.88 -20.51
N THR B 195 -3.11 21.56 -19.53
CA THR B 195 -3.60 22.93 -19.76
C THR B 195 -3.06 23.88 -18.75
N TYR B 196 -3.76 24.00 -17.62
CA TYR B 196 -3.33 24.92 -16.57
C TYR B 196 -1.82 24.81 -16.19
N LEU B 197 -1.33 23.57 -16.06
CA LEU B 197 0.10 23.40 -15.68
C LEU B 197 1.05 23.91 -16.75
N GLN B 198 0.67 23.72 -18.01
CA GLN B 198 1.51 24.18 -19.10
C GLN B 198 1.59 25.69 -19.22
N THR B 199 0.50 26.42 -18.95
CA THR B 199 0.55 27.87 -19.00
C THR B 199 1.37 28.42 -17.82
N ALA B 200 1.25 27.74 -16.69
CA ALA B 200 2.03 28.13 -15.51
C ALA B 200 3.53 27.94 -15.78
N LEU B 201 3.88 26.74 -16.28
CA LEU B 201 5.29 26.40 -16.49
C LEU B 201 6.02 27.36 -17.42
N ALA B 202 5.29 28.02 -18.30
CA ALA B 202 5.95 29.00 -19.18
C ALA B 202 6.29 30.33 -18.50
N ARG B 203 5.86 30.53 -17.25
CA ARG B 203 6.03 31.82 -16.58
C ARG B 203 7.29 31.84 -15.73
N PRO B 204 8.09 32.89 -15.81
CA PRO B 204 9.33 32.95 -15.02
C PRO B 204 9.08 33.10 -13.50
N ASN B 205 7.90 33.57 -13.09
CA ASN B 205 7.50 33.72 -11.72
C ASN B 205 6.84 32.45 -11.09
N PHE B 206 6.84 31.35 -11.85
CA PHE B 206 6.35 30.06 -11.42
C PHE B 206 7.46 29.03 -11.39
N THR B 207 7.55 28.33 -10.29
CA THR B 207 8.51 27.24 -10.11
C THR B 207 7.77 25.97 -9.67
N PHE B 208 8.09 24.84 -10.31
CA PHE B 208 7.48 23.60 -10.02
C PHE B 208 8.58 22.60 -9.60
N LYS B 209 8.41 22.01 -8.44
CA LYS B 209 9.32 20.98 -7.97
C LYS B 209 8.60 19.68 -7.64
N THR B 210 9.07 18.58 -8.25
CA THR B 210 8.52 17.28 -7.98
C THR B 210 9.43 16.50 -7.03
N ASN B 211 8.92 15.35 -6.56
CA ASN B 211 9.60 14.51 -5.57
C ASN B 211 9.96 15.29 -4.30
N VAL B 212 9.08 16.21 -3.91
CA VAL B 212 9.29 16.97 -2.70
C VAL B 212 8.08 16.79 -1.77
N MET B 213 8.29 16.26 -0.57
CA MET B 213 7.17 15.98 0.34
C MET B 213 7.14 16.98 1.49
N VAL B 214 6.00 17.61 1.62
CA VAL B 214 5.76 18.53 2.77
C VAL B 214 5.16 17.79 3.97
N SER B 215 5.84 17.86 5.11
CA SER B 215 5.41 17.21 6.34
C SER B 215 4.48 18.13 7.14
N ASN B 216 4.74 19.47 7.14
CA ASN B 216 3.94 20.41 7.90
C ASN B 216 4.14 21.85 7.45
N VAL B 217 3.25 22.77 7.82
CA VAL B 217 3.57 24.17 7.63
C VAL B 217 4.28 24.57 8.96
N VAL B 218 5.14 25.56 8.90
CA VAL B 218 5.84 26.06 10.10
C VAL B 218 5.15 27.37 10.48
N ARG B 219 4.82 27.53 11.76
CA ARG B 219 4.09 28.73 12.14
C ARG B 219 4.47 29.25 13.49
N ASN B 220 4.13 30.50 13.68
CA ASN B 220 4.26 31.22 14.92
C ASN B 220 2.84 31.65 15.25
N GLY B 221 2.11 30.72 15.82
CA GLY B 221 0.74 30.93 16.17
C GLY B 221 -0.07 30.99 14.88
N SER B 222 -0.84 32.07 14.73
CA SER B 222 -1.68 32.22 13.53
C SER B 222 -0.89 32.60 12.25
N GLN B 223 0.39 32.86 12.39
CA GLN B 223 1.20 33.26 11.24
C GLN B 223 2.05 32.14 10.69
N ILE B 224 1.69 31.69 9.48
CA ILE B 224 2.45 30.60 8.79
C ILE B 224 3.73 31.19 8.23
N LEU B 225 4.89 30.64 8.60
CA LEU B 225 6.15 31.21 8.12
C LEU B 225 6.64 30.57 6.82
N GLY B 226 6.17 29.35 6.57
CA GLY B 226 6.53 28.65 5.36
C GLY B 226 6.18 27.17 5.51
N VAL B 227 6.84 26.34 4.70
CA VAL B 227 6.62 24.88 4.73
C VAL B 227 7.86 24.12 5.09
N GLN B 228 7.67 22.97 5.70
CA GLN B 228 8.79 22.09 6.00
C GLN B 228 8.80 20.93 4.98
N THR B 229 9.91 20.75 4.27
CA THR B 229 10.08 19.71 3.25
C THR B 229 11.20 18.75 3.55
N ASN B 230 11.27 17.69 2.74
CA ASN B 230 12.30 16.67 2.87
C ASN B 230 13.43 16.84 1.85
N ASP B 231 13.54 18.02 1.27
CA ASP B 231 14.57 18.34 0.26
C ASP B 231 15.44 19.47 0.79
N PRO B 232 16.59 19.12 1.33
CA PRO B 232 17.44 20.11 1.97
C PRO B 232 18.10 21.06 1.01
N THR B 233 17.73 21.06 -0.27
CA THR B 233 18.34 21.97 -1.22
C THR B 233 17.46 23.08 -1.58
N LEU B 234 16.23 23.04 -1.12
CA LEU B 234 15.32 24.12 -1.36
C LEU B 234 15.38 25.14 -0.22
N GLY B 235 16.13 24.82 0.82
CA GLY B 235 16.25 25.74 1.94
C GLY B 235 16.91 25.06 3.11
N PRO B 236 17.07 25.82 4.20
CA PRO B 236 17.80 25.31 5.36
C PRO B 236 17.06 24.18 6.00
N ASN B 237 17.70 23.02 5.93
CA ASN B 237 17.14 21.79 6.40
C ASN B 237 15.74 21.56 5.82
N GLY B 238 15.49 22.06 4.60
CA GLY B 238 14.22 21.78 3.95
C GLY B 238 13.11 22.77 4.16
N PHE B 239 13.36 23.79 5.00
CA PHE B 239 12.38 24.85 5.24
C PHE B 239 12.31 25.85 4.11
N ILE B 240 11.11 26.12 3.63
CA ILE B 240 10.88 27.14 2.57
C ILE B 240 9.94 28.22 3.06
N PRO B 241 10.41 29.45 3.16
CA PRO B 241 9.58 30.55 3.65
C PRO B 241 8.72 31.26 2.62
N VAL B 242 7.68 31.94 3.11
CA VAL B 242 6.94 32.84 2.24
C VAL B 242 7.53 34.25 2.43
N THR B 243 7.16 35.15 1.53
CA THR B 243 7.48 36.54 1.65
C THR B 243 6.63 37.07 2.82
N PRO B 244 6.96 38.27 3.33
CA PRO B 244 6.25 38.88 4.46
C PRO B 244 4.71 38.74 4.38
N LYS B 245 4.10 39.10 3.27
CA LYS B 245 2.67 39.01 3.07
C LYS B 245 2.22 37.68 2.42
N GLY B 246 3.17 36.77 2.26
CA GLY B 246 2.95 35.52 1.54
C GLY B 246 2.00 34.54 2.21
N ARG B 247 1.60 33.52 1.44
CA ARG B 247 0.55 32.63 1.83
C ARG B 247 0.88 31.19 1.45
N VAL B 248 0.36 30.29 2.22
CA VAL B 248 0.48 28.86 1.85
C VAL B 248 -0.89 28.27 1.52
N ILE B 249 -0.95 27.52 0.46
CA ILE B 249 -2.19 26.87 0.03
C ILE B 249 -1.93 25.39 0.04
N LEU B 250 -2.73 24.68 0.81
CA LEU B 250 -2.69 23.25 0.85
C LEU B 250 -3.67 22.67 -0.17
N SER B 251 -3.12 21.85 -1.06
CA SER B 251 -3.86 21.23 -2.16
C SER B 251 -3.44 19.76 -2.25
N ALA B 252 -3.24 19.13 -1.11
CA ALA B 252 -2.68 17.79 -1.06
C ALA B 252 -3.70 16.63 -1.07
N GLY B 253 -4.96 16.95 -1.23
CA GLY B 253 -6.04 15.99 -1.29
C GLY B 253 -6.65 15.74 0.08
N ALA B 254 -7.78 15.03 0.14
CA ALA B 254 -8.46 14.90 1.41
C ALA B 254 -7.56 14.31 2.51
N PHE B 255 -6.84 13.24 2.22
CA PHE B 255 -5.95 12.66 3.18
C PHE B 255 -4.65 13.41 3.38
N GLY B 256 -4.08 13.92 2.30
CA GLY B 256 -2.82 14.60 2.35
C GLY B 256 -2.88 15.89 3.08
N THR B 257 -3.87 16.72 2.78
CA THR B 257 -4.03 17.96 3.52
C THR B 257 -4.28 17.75 5.03
N SER B 258 -5.25 16.89 5.35
CA SER B 258 -5.59 16.63 6.72
C SER B 258 -4.32 16.21 7.48
N ARG B 259 -3.53 15.33 6.88
CA ARG B 259 -2.28 14.93 7.55
C ARG B 259 -1.35 16.13 7.80
N ILE B 260 -1.19 16.99 6.80
CA ILE B 260 -0.29 18.12 6.93
C ILE B 260 -0.81 19.01 8.08
N LEU B 261 -2.11 19.21 8.11
CA LEU B 261 -2.76 20.00 9.15
C LEU B 261 -2.48 19.38 10.55
N PHE B 262 -2.71 18.08 10.68
CA PHE B 262 -2.48 17.41 11.98
C PHE B 262 -1.03 17.65 12.45
N GLN B 263 -0.11 17.48 11.51
CA GLN B 263 1.33 17.60 11.77
C GLN B 263 1.80 19.06 11.96
N SER B 264 0.88 19.98 11.81
CA SER B 264 1.02 21.41 12.07
C SER B 264 0.18 21.86 13.28
N GLY B 265 -0.28 20.91 14.07
CA GLY B 265 -1.06 21.19 15.23
C GLY B 265 -2.39 21.83 14.86
N ILE B 266 -3.01 21.38 13.79
CA ILE B 266 -4.32 21.89 13.40
C ILE B 266 -5.26 20.71 13.13
N GLY B 267 -6.31 20.61 13.93
CA GLY B 267 -7.29 19.58 13.82
C GLY B 267 -7.74 19.10 15.20
N PRO B 268 -8.51 18.02 15.24
CA PRO B 268 -8.99 17.48 16.52
C PRO B 268 -7.84 16.99 17.36
N THR B 269 -8.03 17.10 18.65
CA THR B 269 -6.97 16.79 19.57
C THR B 269 -6.46 15.37 19.48
N ASP B 270 -7.36 14.42 19.30
CA ASP B 270 -6.94 13.07 19.21
C ASP B 270 -5.99 12.83 18.03
N MET B 271 -6.21 13.57 16.93
CA MET B 271 -5.32 13.48 15.76
C MET B 271 -3.94 14.13 15.97
N ILE B 272 -3.92 15.31 16.59
CA ILE B 272 -2.65 15.93 16.90
C ILE B 272 -1.88 15.09 17.91
N GLN B 273 -2.56 14.52 18.90
CA GLN B 273 -1.90 13.61 19.84
C GLN B 273 -1.40 12.36 19.12
N THR B 274 -2.06 11.90 18.07
CA THR B 274 -1.53 10.75 17.32
C THR B 274 -0.20 11.15 16.67
N VAL B 275 -0.15 12.36 16.13
CA VAL B 275 1.12 12.87 15.62
C VAL B 275 2.18 12.88 16.70
N GLN B 276 1.82 13.38 17.88
CA GLN B 276 2.75 13.51 18.97
C GLN B 276 3.29 12.19 19.46
N SER B 277 2.62 11.09 19.18
CA SER B 277 3.10 9.78 19.60
C SER B 277 4.33 9.31 18.74
N ASN B 278 4.59 10.03 17.68
CA ASN B 278 5.74 9.75 16.81
C ASN B 278 6.75 10.79 17.26
N PRO B 279 7.82 10.39 17.93
CA PRO B 279 8.75 11.38 18.49
C PRO B 279 9.29 12.39 17.55
N THR B 280 9.66 11.92 16.36
CA THR B 280 10.19 12.81 15.38
C THR B 280 9.15 13.82 14.98
N ALA B 281 7.95 13.39 14.60
CA ALA B 281 6.93 14.36 14.25
C ALA B 281 6.60 15.28 15.42
N ALA B 282 6.68 14.74 16.64
CA ALA B 282 6.35 15.54 17.81
C ALA B 282 7.28 16.75 17.93
N ALA B 283 8.53 16.58 17.56
CA ALA B 283 9.51 17.67 17.69
C ALA B 283 9.17 18.83 16.77
N ALA B 284 8.41 18.55 15.71
CA ALA B 284 8.02 19.57 14.74
C ALA B 284 6.68 20.23 15.09
N LEU B 285 5.91 19.66 16.01
CA LEU B 285 4.65 20.30 16.41
C LEU B 285 4.82 21.64 17.14
N PRO B 286 3.85 22.54 16.97
CA PRO B 286 3.84 23.75 17.81
C PRO B 286 3.55 23.38 19.27
N PRO B 287 3.84 24.23 20.22
CA PRO B 287 3.52 23.92 21.61
C PRO B 287 2.04 23.79 21.70
N GLN B 288 1.59 23.01 22.66
CA GLN B 288 0.19 22.65 22.74
C GLN B 288 -0.78 23.83 22.90
N ASN B 289 -0.33 24.88 23.59
CA ASN B 289 -1.15 26.07 23.76
C ASN B 289 -1.40 26.78 22.42
N GLN B 290 -0.70 26.37 21.38
CA GLN B 290 -0.92 26.95 20.05
C GLN B 290 -1.71 26.03 19.10
N TRP B 291 -2.11 24.87 19.55
CA TRP B 291 -2.82 23.98 18.62
C TRP B 291 -4.18 24.63 18.26
N ILE B 292 -4.62 24.46 17.03
CA ILE B 292 -5.91 25.03 16.63
C ILE B 292 -6.90 23.87 16.43
N ASN B 293 -7.93 23.84 17.24
CA ASN B 293 -8.93 22.78 17.25
C ASN B 293 -10.01 23.07 16.21
N LEU B 294 -9.94 22.36 15.10
CA LEU B 294 -10.90 22.49 14.00
C LEU B 294 -11.23 21.11 13.52
N PRO B 295 -12.41 20.92 12.93
CA PRO B 295 -12.88 19.57 12.55
C PRO B 295 -12.28 18.99 11.27
N VAL B 296 -10.96 18.93 11.23
CA VAL B 296 -10.23 18.39 10.08
C VAL B 296 -10.40 16.85 10.05
N GLY B 297 -10.96 16.31 8.96
CA GLY B 297 -11.21 14.89 8.82
C GLY B 297 -12.65 14.51 9.18
N MET B 298 -13.34 15.39 9.93
CA MET B 298 -14.72 15.17 10.26
C MET B 298 -15.56 15.58 9.05
N ASN B 299 -16.80 15.13 9.07
CA ASN B 299 -17.77 15.31 8.06
C ASN B 299 -17.41 14.86 6.65
N ALA B 300 -16.51 13.88 6.56
CA ALA B 300 -16.06 13.36 5.30
C ALA B 300 -17.24 12.72 4.59
N GLN B 301 -17.32 12.91 3.28
CA GLN B 301 -18.37 12.33 2.53
C GLN B 301 -17.77 11.68 1.29
N ASP B 302 -18.37 10.57 0.90
CA ASP B 302 -18.06 9.88 -0.34
C ASP B 302 -19.33 9.15 -0.75
N ASN B 303 -19.52 8.95 -2.04
CA ASN B 303 -20.73 8.29 -2.49
C ASN B 303 -20.85 6.83 -2.05
N PRO B 304 -22.03 6.38 -1.64
CA PRO B 304 -22.23 4.92 -1.52
C PRO B 304 -22.31 4.46 -2.99
N SER B 305 -21.82 3.30 -3.31
CA SER B 305 -21.94 2.74 -4.65
C SER B 305 -22.15 1.20 -4.55
N ILE B 306 -22.90 0.68 -5.51
CA ILE B 306 -23.21 -0.75 -5.64
C ILE B 306 -23.06 -1.09 -7.10
N ASN B 307 -22.23 -2.07 -7.39
CA ASN B 307 -22.08 -2.59 -8.71
C ASN B 307 -23.07 -3.69 -9.02
N LEU B 308 -23.73 -3.54 -10.15
CA LEU B 308 -24.62 -4.54 -10.72
C LEU B 308 -24.01 -5.07 -12.00
N VAL B 309 -23.87 -6.39 -12.16
CA VAL B 309 -23.28 -6.94 -13.36
C VAL B 309 -24.31 -7.74 -14.15
N PHE B 310 -24.23 -7.58 -15.46
CA PHE B 310 -25.17 -8.15 -16.44
C PHE B 310 -24.42 -8.79 -17.60
N THR B 311 -25.11 -9.60 -18.37
CA THR B 311 -24.68 -10.10 -19.67
C THR B 311 -25.79 -9.82 -20.66
N HIS B 312 -25.39 -9.60 -21.89
CA HIS B 312 -26.35 -9.50 -22.99
C HIS B 312 -25.54 -9.95 -24.18
N PRO B 313 -26.13 -10.71 -25.10
CA PRO B 313 -25.37 -11.23 -26.24
C PRO B 313 -24.70 -10.22 -27.18
N SER B 314 -25.12 -8.98 -27.17
CA SER B 314 -24.49 -7.98 -28.02
C SER B 314 -23.21 -7.37 -27.45
N ILE B 315 -22.97 -7.59 -26.18
CA ILE B 315 -21.89 -6.96 -25.47
C ILE B 315 -20.52 -7.50 -25.88
N ASP B 316 -19.59 -6.61 -25.95
CA ASP B 316 -18.15 -6.91 -26.11
C ASP B 316 -17.39 -6.48 -24.86
N ALA B 317 -17.07 -7.45 -24.01
CA ALA B 317 -16.42 -7.12 -22.74
C ALA B 317 -14.92 -6.75 -22.87
N TYR B 318 -14.40 -6.81 -24.11
CA TYR B 318 -13.05 -6.32 -24.43
C TYR B 318 -12.00 -7.03 -23.58
N GLU B 319 -12.07 -8.35 -23.51
CA GLU B 319 -11.18 -9.14 -22.72
C GLU B 319 -11.14 -8.69 -21.22
N ASN B 320 -12.20 -8.05 -20.77
CA ASN B 320 -12.32 -7.50 -19.44
C ASN B 320 -11.16 -6.55 -19.15
N TRP B 321 -10.67 -5.90 -20.19
CA TRP B 321 -9.54 -4.93 -20.09
C TRP B 321 -8.26 -5.55 -19.65
N ALA B 322 -8.17 -6.87 -19.64
CA ALA B 322 -7.02 -7.56 -19.12
C ALA B 322 -5.77 -7.45 -20.04
N ASP B 323 -6.00 -7.18 -21.30
CA ASP B 323 -4.91 -7.26 -22.27
C ASP B 323 -4.47 -5.92 -22.83
N VAL B 324 -5.12 -4.87 -22.41
CA VAL B 324 -4.80 -3.58 -22.98
C VAL B 324 -3.34 -3.14 -22.84
N TRP B 325 -2.65 -3.53 -21.78
CA TRP B 325 -1.29 -3.08 -21.59
C TRP B 325 -0.28 -3.87 -22.38
N SER B 326 -0.38 -5.18 -22.30
CA SER B 326 0.65 -6.01 -22.90
C SER B 326 0.29 -6.70 -24.23
N ASN B 327 -0.97 -6.82 -24.56
CA ASN B 327 -1.39 -7.56 -25.74
C ASN B 327 -2.71 -7.02 -26.28
N PRO B 328 -2.75 -5.77 -26.62
CA PRO B 328 -4.02 -5.22 -27.12
C PRO B 328 -4.45 -5.78 -28.49
N ARG B 329 -5.71 -5.60 -28.82
CA ARG B 329 -6.19 -5.90 -30.13
C ARG B 329 -5.39 -5.00 -31.08
N PRO B 330 -4.66 -5.61 -32.00
CA PRO B 330 -3.68 -4.88 -32.79
C PRO B 330 -4.18 -3.73 -33.61
N ALA B 331 -5.32 -3.92 -34.25
CA ALA B 331 -5.86 -2.85 -35.07
C ALA B 331 -6.30 -1.63 -34.22
N ASP B 332 -6.71 -1.89 -32.98
CA ASP B 332 -7.16 -0.82 -32.09
C ASP B 332 -5.94 0.00 -31.60
N ALA B 333 -4.85 -0.72 -31.28
CA ALA B 333 -3.61 -0.13 -30.81
C ALA B 333 -3.00 0.71 -31.95
N ALA B 334 -2.95 0.14 -33.16
CA ALA B 334 -2.46 0.85 -34.32
C ALA B 334 -3.32 2.10 -34.69
N GLN B 335 -4.64 2.00 -34.64
CA GLN B 335 -5.47 3.13 -34.91
C GLN B 335 -5.17 4.24 -33.90
N TYR B 336 -4.96 3.85 -32.65
CA TYR B 336 -4.63 4.85 -31.66
C TYR B 336 -3.29 5.56 -31.95
N LEU B 337 -2.29 4.79 -32.32
CA LEU B 337 -0.97 5.36 -32.52
C LEU B 337 -1.03 6.26 -33.78
N ALA B 338 -1.84 5.87 -34.74
CA ALA B 338 -1.92 6.64 -35.99
C ALA B 338 -2.45 8.07 -35.79
N ASN B 339 -3.55 8.21 -35.06
CA ASN B 339 -4.19 9.53 -34.93
C ASN B 339 -5.01 9.71 -33.69
N GLN B 340 -4.81 8.78 -32.71
CA GLN B 340 -5.46 8.88 -31.42
C GLN B 340 -7.00 8.85 -31.52
N SER B 341 -7.44 7.98 -32.41
CA SER B 341 -8.84 7.61 -32.60
C SER B 341 -9.02 6.14 -32.17
N GLY B 342 -10.26 5.72 -31.99
CA GLY B 342 -10.62 4.37 -31.65
C GLY B 342 -10.92 4.14 -30.18
N VAL B 343 -10.98 2.87 -29.85
CA VAL B 343 -11.29 2.47 -28.50
C VAL B 343 -10.40 3.18 -27.48
N PHE B 344 -9.10 3.33 -27.79
CA PHE B 344 -8.14 3.78 -26.82
C PHE B 344 -8.24 5.27 -26.48
N ALA B 345 -9.00 6.03 -27.26
CA ALA B 345 -9.24 7.48 -27.03
C ALA B 345 -10.28 7.76 -25.94
N GLY B 346 -10.95 6.70 -25.46
CA GLY B 346 -11.88 6.82 -24.34
C GLY B 346 -11.54 5.90 -23.23
N ALA B 347 -11.96 6.24 -22.02
CA ALA B 347 -11.78 5.33 -20.89
C ALA B 347 -12.90 4.31 -20.99
N SER B 348 -13.05 3.51 -19.97
CA SER B 348 -14.05 2.43 -19.98
C SER B 348 -15.50 2.88 -19.90
N PRO B 349 -15.83 3.97 -19.21
CA PRO B 349 -17.27 4.32 -19.11
C PRO B 349 -17.93 4.67 -20.41
N LYS B 350 -19.17 4.23 -20.63
CA LYS B 350 -19.80 4.60 -21.90
C LYS B 350 -21.12 5.37 -21.74
N LEU B 351 -21.88 5.07 -20.69
CA LEU B 351 -23.17 5.74 -20.49
C LEU B 351 -23.30 6.22 -19.03
N ASN B 352 -23.88 7.38 -18.83
CA ASN B 352 -24.14 7.90 -17.48
C ASN B 352 -25.60 8.31 -17.41
N PHE B 353 -26.20 8.16 -16.25
CA PHE B 353 -27.57 8.56 -16.06
C PHE B 353 -27.82 9.02 -14.61
N TRP B 354 -28.85 9.85 -14.45
CA TRP B 354 -29.27 10.40 -13.16
C TRP B 354 -30.79 10.41 -12.94
N ARG B 355 -31.21 10.37 -11.67
CA ARG B 355 -32.61 10.38 -11.34
C ARG B 355 -32.80 10.83 -9.91
N ALA B 356 -33.84 11.63 -9.67
CA ALA B 356 -34.09 12.20 -8.37
C ALA B 356 -35.12 11.35 -7.62
N TYR B 357 -34.95 11.31 -6.31
CA TYR B 357 -35.80 10.57 -5.45
C TYR B 357 -36.18 11.47 -4.25
N SER B 358 -37.45 11.39 -3.85
CA SER B 358 -37.89 12.06 -2.60
C SER B 358 -37.30 11.32 -1.39
N GLY B 359 -37.05 12.00 -0.29
CA GLY B 359 -36.64 11.33 0.95
C GLY B 359 -37.63 11.54 2.06
N SER B 360 -37.80 10.52 2.90
CA SER B 360 -38.70 10.63 4.06
C SER B 360 -38.28 11.70 5.04
N ASP B 361 -36.99 12.06 4.98
CA ASP B 361 -36.43 13.12 5.79
C ASP B 361 -36.48 14.51 5.12
N GLY B 362 -37.11 14.59 3.96
CA GLY B 362 -37.23 15.90 3.34
C GLY B 362 -36.19 16.26 2.30
N PHE B 363 -35.14 15.47 2.21
CA PHE B 363 -34.09 15.74 1.24
C PHE B 363 -34.23 14.95 -0.07
N THR B 364 -34.26 15.65 -1.18
CA THR B 364 -34.22 14.95 -2.45
C THR B 364 -32.82 14.44 -2.68
N ARG B 365 -32.71 13.17 -3.03
CA ARG B 365 -31.40 12.62 -3.36
C ARG B 365 -31.33 12.25 -4.82
N TYR B 366 -30.12 12.31 -5.37
CA TYR B 366 -29.85 11.87 -6.75
C TYR B 366 -29.14 10.54 -6.75
N ALA B 367 -29.60 9.65 -7.61
CA ALA B 367 -28.83 8.48 -7.96
C ALA B 367 -28.14 8.78 -9.28
N GLN B 368 -26.98 8.18 -9.48
CA GLN B 368 -26.25 8.22 -10.76
C GLN B 368 -25.85 6.79 -11.11
N GLY B 369 -25.92 6.47 -12.41
CA GLY B 369 -25.37 5.23 -12.93
C GLY B 369 -24.14 5.51 -13.80
N THR B 370 -23.17 4.59 -13.78
CA THR B 370 -22.07 4.59 -14.71
C THR B 370 -22.03 3.18 -15.30
N VAL B 371 -22.16 3.10 -16.60
CA VAL B 371 -22.14 1.84 -17.36
C VAL B 371 -20.78 1.67 -18.08
N ARG B 372 -20.21 0.46 -17.99
CA ARG B 372 -18.98 0.10 -18.72
C ARG B 372 -18.98 -1.37 -19.05
N PRO B 373 -18.33 -1.73 -20.15
CA PRO B 373 -18.13 -3.14 -20.51
C PRO B 373 -17.07 -3.70 -19.55
N GLY B 374 -17.16 -4.99 -19.24
CA GLY B 374 -16.35 -5.62 -18.24
C GLY B 374 -16.90 -5.46 -16.82
N ALA B 375 -16.23 -6.15 -15.89
CA ALA B 375 -16.59 -6.10 -14.48
C ALA B 375 -15.41 -6.49 -13.63
N ALA B 376 -15.24 -5.81 -12.53
CA ALA B 376 -14.15 -6.12 -11.61
C ALA B 376 -14.38 -7.38 -10.81
N SER B 377 -15.63 -7.66 -10.45
CA SER B 377 -16.00 -8.76 -9.53
C SER B 377 -17.37 -9.31 -9.91
N VAL B 378 -17.47 -10.61 -9.97
CA VAL B 378 -18.72 -11.30 -10.29
C VAL B 378 -18.92 -12.42 -9.31
N ASN B 379 -20.14 -12.50 -8.75
CA ASN B 379 -20.48 -13.56 -7.82
C ASN B 379 -21.76 -14.27 -8.29
N SER B 380 -21.60 -15.17 -9.28
CA SER B 380 -22.71 -15.87 -9.93
C SER B 380 -22.65 -17.35 -9.66
N SER B 381 -23.78 -17.90 -9.26
CA SER B 381 -23.85 -19.33 -9.00
C SER B 381 -24.16 -20.10 -10.29
N LEU B 382 -24.50 -19.37 -11.34
CA LEU B 382 -24.88 -19.94 -12.62
C LEU B 382 -23.85 -19.58 -13.64
N PRO B 383 -23.70 -20.43 -14.64
CA PRO B 383 -22.72 -20.15 -15.68
C PRO B 383 -23.01 -18.87 -16.43
N TYR B 384 -22.00 -18.21 -16.98
CA TYR B 384 -22.25 -17.03 -17.75
C TYR B 384 -21.09 -16.89 -18.71
N ASN B 385 -21.34 -16.21 -19.79
CA ASN B 385 -20.32 -15.95 -20.79
C ASN B 385 -19.56 -14.69 -20.40
N ALA B 386 -18.30 -14.84 -20.02
CA ALA B 386 -17.53 -13.71 -19.57
C ALA B 386 -17.18 -12.70 -20.67
N SER B 387 -17.39 -13.06 -21.93
CA SER B 387 -17.18 -12.07 -23.00
C SER B 387 -18.39 -11.11 -23.14
N GLN B 388 -19.46 -11.35 -22.39
CA GLN B 388 -20.67 -10.54 -22.52
C GLN B 388 -21.02 -9.65 -21.31
N ILE B 389 -20.08 -9.55 -20.37
CA ILE B 389 -20.35 -8.85 -19.11
C ILE B 389 -20.17 -7.37 -19.21
N PHE B 390 -21.05 -6.66 -18.52
CA PHE B 390 -20.93 -5.25 -18.30
C PHE B 390 -21.49 -4.89 -16.90
N THR B 391 -21.04 -3.74 -16.41
CA THR B 391 -21.40 -3.24 -15.10
C THR B 391 -22.16 -1.91 -15.13
N ILE B 392 -23.16 -1.81 -14.27
CA ILE B 392 -23.75 -0.53 -13.99
C ILE B 392 -23.42 -0.28 -12.52
N THR B 393 -22.62 0.73 -12.26
CA THR B 393 -22.36 1.15 -10.91
C THR B 393 -23.42 2.21 -10.52
N VAL B 394 -24.16 1.98 -9.43
CA VAL B 394 -25.21 2.92 -9.00
C VAL B 394 -24.67 3.65 -7.75
N TYR B 395 -24.66 4.95 -7.84
CA TYR B 395 -24.25 5.80 -6.73
C TYR B 395 -25.45 6.63 -6.26
N LEU B 396 -25.35 7.15 -5.02
CA LEU B 396 -26.18 8.25 -4.61
C LEU B 396 -25.23 9.41 -4.46
N SER B 397 -25.73 10.63 -4.64
CA SER B 397 -24.89 11.83 -4.64
C SER B 397 -25.60 12.99 -3.97
N THR B 398 -26.16 13.89 -4.79
CA THR B 398 -26.84 15.08 -4.25
C THR B 398 -27.81 14.66 -3.17
N GLY B 399 -27.86 15.41 -2.08
CA GLY B 399 -28.88 15.20 -1.05
C GLY B 399 -28.56 14.17 0.05
N ILE B 400 -27.57 13.32 -0.15
CA ILE B 400 -27.31 12.32 0.90
C ILE B 400 -26.95 12.97 2.23
N GLN B 401 -27.33 12.28 3.32
CA GLN B 401 -27.07 12.78 4.65
C GLN B 401 -25.92 12.09 5.42
N SER B 402 -25.45 10.94 4.93
CA SER B 402 -24.31 10.27 5.59
C SER B 402 -23.01 11.08 5.65
N ARG B 403 -22.31 10.99 6.77
CA ARG B 403 -21.01 11.59 6.99
C ARG B 403 -20.17 10.59 7.75
N GLY B 404 -18.87 10.55 7.46
CA GLY B 404 -17.92 9.73 8.18
C GLY B 404 -16.74 10.58 8.62
N ARG B 405 -15.61 9.93 8.82
CA ARG B 405 -14.43 10.61 9.29
C ARG B 405 -13.19 9.96 8.69
N ILE B 406 -12.25 10.81 8.28
CA ILE B 406 -10.92 10.34 7.85
C ILE B 406 -9.89 11.00 8.78
N GLY B 407 -8.70 10.42 8.86
CA GLY B 407 -7.66 11.00 9.69
C GLY B 407 -6.44 10.11 9.54
N ILE B 408 -5.63 9.99 10.56
CA ILE B 408 -4.42 9.19 10.53
C ILE B 408 -4.48 8.12 11.57
N ASP B 409 -3.67 7.07 11.38
CA ASP B 409 -3.43 6.13 12.44
C ASP B 409 -2.05 6.35 13.12
N ALA B 410 -1.68 5.45 14.04
CA ALA B 410 -0.44 5.65 14.77
C ALA B 410 0.78 5.63 13.84
N ALA B 411 0.63 5.03 12.67
CA ALA B 411 1.72 4.94 11.72
C ALA B 411 1.74 6.17 10.78
N LEU B 412 0.89 7.13 11.06
CA LEU B 412 0.71 8.33 10.26
C LEU B 412 0.19 8.08 8.87
N ARG B 413 -0.49 6.96 8.66
CA ARG B 413 -1.15 6.72 7.42
C ARG B 413 -2.52 7.37 7.34
N GLY B 414 -2.85 7.92 6.18
CA GLY B 414 -4.19 8.36 5.92
C GLY B 414 -5.15 7.20 5.88
N THR B 415 -6.17 7.30 6.72
CA THR B 415 -7.10 6.24 6.86
C THR B 415 -8.55 6.65 7.08
N VAL B 416 -9.48 5.73 6.79
CA VAL B 416 -10.90 5.92 7.04
C VAL B 416 -11.18 5.49 8.49
N LEU B 417 -11.41 6.44 9.36
CA LEU B 417 -11.72 6.20 10.75
C LEU B 417 -13.14 5.79 10.96
N THR B 418 -14.07 6.41 10.24
CA THR B 418 -15.49 6.07 10.34
C THR B 418 -16.01 6.01 8.91
N PRO B 419 -16.32 4.82 8.43
CA PRO B 419 -16.86 4.65 7.07
C PRO B 419 -18.05 5.58 6.82
N PRO B 420 -18.03 6.33 5.73
CA PRO B 420 -19.11 7.29 5.44
C PRO B 420 -20.32 6.74 4.72
N TRP B 421 -20.30 5.49 4.35
CA TRP B 421 -21.32 4.91 3.47
C TRP B 421 -22.50 4.35 4.28
N LEU B 422 -23.67 4.86 3.95
CA LEU B 422 -24.90 4.36 4.51
C LEU B 422 -24.99 4.49 6.02
N VAL B 423 -24.39 5.52 6.57
CA VAL B 423 -24.53 5.82 7.98
C VAL B 423 -25.97 6.27 8.29
N ASN B 424 -26.48 7.13 7.43
CA ASN B 424 -27.88 7.62 7.48
C ASN B 424 -28.83 6.58 6.91
N PRO B 425 -29.86 6.21 7.66
CA PRO B 425 -30.73 5.13 7.17
C PRO B 425 -31.57 5.47 5.95
N VAL B 426 -31.86 6.74 5.76
CA VAL B 426 -32.68 7.12 4.64
C VAL B 426 -31.84 7.00 3.36
N ASP B 427 -30.55 7.28 3.47
CA ASP B 427 -29.64 7.04 2.32
C ASP B 427 -29.84 5.59 1.85
N LYS B 428 -29.82 4.69 2.82
CA LYS B 428 -29.89 3.28 2.48
C LYS B 428 -31.22 2.93 1.81
N THR B 429 -32.31 3.38 2.40
CA THR B 429 -33.63 3.15 1.82
C THR B 429 -33.70 3.67 0.41
N VAL B 430 -33.21 4.88 0.18
CA VAL B 430 -33.28 5.44 -1.16
C VAL B 430 -32.40 4.63 -2.19
N LEU B 431 -31.26 4.15 -1.75
CA LEU B 431 -30.33 3.40 -2.57
C LEU B 431 -31.05 2.14 -3.05
N LEU B 432 -31.77 1.50 -2.14
CA LEU B 432 -32.50 0.27 -2.49
C LEU B 432 -33.56 0.58 -3.52
N GLN B 433 -34.26 1.68 -3.33
CA GLN B 433 -35.29 2.08 -4.31
C GLN B 433 -34.63 2.26 -5.68
N ALA B 434 -33.49 2.97 -5.71
CA ALA B 434 -32.83 3.26 -6.97
C ALA B 434 -32.34 2.01 -7.66
N LEU B 435 -31.89 1.03 -6.86
CA LEU B 435 -31.42 -0.20 -7.44
C LEU B 435 -32.61 -0.94 -8.04
N HIS B 436 -33.69 -0.99 -7.27
CA HIS B 436 -34.91 -1.67 -7.77
C HIS B 436 -35.40 -1.04 -9.07
N ASP B 437 -35.33 0.29 -9.17
CA ASP B 437 -35.80 0.97 -10.36
C ASP B 437 -34.89 0.64 -11.56
N VAL B 438 -33.56 0.63 -11.36
CA VAL B 438 -32.68 0.24 -12.44
C VAL B 438 -33.07 -1.10 -13.08
N VAL B 439 -33.36 -2.08 -12.26
CA VAL B 439 -33.56 -3.40 -12.82
C VAL B 439 -35.03 -3.69 -13.04
N SER B 440 -35.90 -2.73 -12.75
CA SER B 440 -37.38 -2.92 -12.85
C SER B 440 -37.87 -3.52 -14.18
N ASN B 441 -37.35 -3.05 -15.32
CA ASN B 441 -37.83 -3.58 -16.61
C ASN B 441 -36.78 -4.39 -17.36
N ILE B 442 -35.91 -5.08 -16.62
CA ILE B 442 -34.86 -5.84 -17.25
C ILE B 442 -35.43 -6.94 -18.14
N GLY B 443 -36.54 -7.51 -17.76
CA GLY B 443 -37.18 -8.57 -18.54
C GLY B 443 -37.76 -8.08 -19.85
N SER B 444 -37.81 -6.77 -20.04
CA SER B 444 -38.30 -6.21 -21.30
C SER B 444 -37.18 -6.13 -22.36
N ILE B 445 -35.93 -6.39 -21.96
CA ILE B 445 -34.88 -6.37 -22.93
C ILE B 445 -34.47 -7.79 -23.18
N PRO B 446 -34.81 -8.34 -24.33
CA PRO B 446 -34.42 -9.71 -24.62
C PRO B 446 -32.92 -9.97 -24.46
N GLY B 447 -32.59 -11.03 -23.72
CA GLY B 447 -31.21 -11.51 -23.55
C GLY B 447 -30.41 -10.82 -22.44
N LEU B 448 -31.07 -9.90 -21.75
CA LEU B 448 -30.40 -9.15 -20.67
C LEU B 448 -30.56 -9.91 -19.33
N THR B 449 -29.47 -10.31 -18.69
CA THR B 449 -29.53 -11.07 -17.47
C THR B 449 -28.70 -10.46 -16.41
N MET B 450 -29.19 -10.41 -15.17
CA MET B 450 -28.40 -9.81 -14.09
C MET B 450 -27.72 -10.98 -13.42
N ILE B 451 -26.36 -10.99 -13.45
CA ILE B 451 -25.56 -12.05 -12.93
C ILE B 451 -24.96 -11.73 -11.56
N THR B 452 -24.98 -10.49 -11.12
CA THR B 452 -24.57 -10.21 -9.77
C THR B 452 -25.32 -8.98 -9.33
N PRO B 453 -26.22 -9.08 -8.36
CA PRO B 453 -26.57 -10.34 -7.68
C PRO B 453 -27.31 -11.25 -8.63
N ASP B 454 -27.07 -12.54 -8.56
CA ASP B 454 -27.77 -13.48 -9.43
C ASP B 454 -29.23 -13.70 -8.94
N VAL B 455 -29.98 -14.53 -9.64
CA VAL B 455 -31.40 -14.69 -9.37
C VAL B 455 -31.68 -15.29 -8.01
N THR B 456 -30.69 -15.86 -7.32
CA THR B 456 -30.94 -16.48 -6.04
C THR B 456 -30.78 -15.49 -4.87
N GLN B 457 -30.27 -14.29 -5.15
CA GLN B 457 -29.94 -13.32 -4.13
C GLN B 457 -30.68 -12.02 -4.38
N THR B 458 -31.47 -11.56 -3.41
CA THR B 458 -32.26 -10.34 -3.56
C THR B 458 -31.36 -9.17 -3.47
N LEU B 459 -31.83 -8.02 -3.99
CA LEU B 459 -31.05 -6.79 -3.84
C LEU B 459 -30.81 -6.42 -2.40
N GLU B 460 -31.80 -6.69 -1.55
CA GLU B 460 -31.64 -6.38 -0.11
C GLU B 460 -30.51 -7.20 0.51
N GLU B 461 -30.47 -8.45 0.16
CA GLU B 461 -29.42 -9.33 0.69
C GLU B 461 -28.06 -8.94 0.15
N TYR B 462 -28.06 -8.49 -1.08
CA TYR B 462 -26.83 -8.07 -1.75
C TYR B 462 -26.22 -6.85 -1.09
N VAL B 463 -27.02 -5.85 -0.84
CA VAL B 463 -26.54 -4.67 -0.16
C VAL B 463 -26.12 -4.98 1.30
N ASP B 464 -26.89 -5.79 2.00
CA ASP B 464 -26.54 -6.14 3.39
C ASP B 464 -25.24 -6.93 3.45
N ALA B 465 -24.94 -7.73 2.44
CA ALA B 465 -23.73 -8.52 2.46
C ALA B 465 -22.51 -7.82 1.87
N TYR B 466 -22.70 -6.64 1.29
CA TYR B 466 -21.69 -5.96 0.53
C TYR B 466 -20.61 -5.41 1.44
N ASP B 467 -19.34 -5.50 1.05
CA ASP B 467 -18.27 -5.03 1.92
C ASP B 467 -18.26 -3.52 1.91
N PRO B 468 -18.50 -2.85 3.03
CA PRO B 468 -18.45 -1.38 3.03
C PRO B 468 -17.29 -0.75 2.31
N ALA B 469 -16.13 -1.28 2.45
CA ALA B 469 -14.97 -0.70 1.83
C ALA B 469 -15.07 -0.70 0.34
N THR B 470 -15.74 -1.67 -0.23
CA THR B 470 -15.89 -1.74 -1.65
C THR B 470 -16.86 -0.70 -2.23
N MET B 471 -17.63 -0.08 -1.36
CA MET B 471 -18.52 0.99 -1.73
C MET B 471 -17.75 2.30 -2.07
N ASN B 472 -16.53 2.40 -1.61
CA ASN B 472 -15.67 3.55 -1.86
C ASN B 472 -15.75 3.98 -3.32
N SER B 473 -16.13 5.25 -3.50
CA SER B 473 -16.29 5.86 -4.84
C SER B 473 -15.13 6.80 -5.22
N ASN B 474 -14.12 6.89 -4.35
CA ASN B 474 -12.94 7.75 -4.50
C ASN B 474 -13.28 9.24 -4.73
N HIS B 475 -14.38 9.69 -4.12
CA HIS B 475 -14.90 11.06 -4.25
C HIS B 475 -14.92 11.85 -2.95
N TRP B 476 -13.87 11.60 -2.15
CA TRP B 476 -13.76 12.21 -0.82
C TRP B 476 -13.89 13.72 -0.89
N VAL B 477 -14.87 14.23 -0.13
CA VAL B 477 -15.01 15.70 0.06
C VAL B 477 -15.40 16.01 1.52
N SER B 478 -15.32 17.29 1.81
CA SER B 478 -15.81 17.88 3.09
C SER B 478 -14.98 17.67 4.33
N SER B 479 -13.85 16.98 4.21
CA SER B 479 -13.01 16.73 5.36
C SER B 479 -12.32 18.01 5.86
N THR B 480 -12.30 19.07 5.05
CA THR B 480 -11.89 20.38 5.54
C THR B 480 -12.90 21.39 5.00
N THR B 481 -14.17 21.12 5.27
CA THR B 481 -15.24 21.86 4.66
C THR B 481 -15.21 23.36 4.82
N ILE B 482 -15.64 24.03 3.74
CA ILE B 482 -15.96 25.46 3.80
C ILE B 482 -17.18 25.63 4.72
N GLY B 483 -17.27 26.78 5.37
CA GLY B 483 -18.39 27.10 6.20
C GLY B 483 -18.22 28.43 6.89
N SER B 484 -19.04 28.63 7.91
CA SER B 484 -19.03 29.92 8.59
C SER B 484 -18.50 29.86 10.04
N SER B 485 -18.36 28.68 10.62
CA SER B 485 -17.99 28.56 12.02
C SER B 485 -16.85 27.53 12.22
N PRO B 486 -15.90 27.86 13.07
CA PRO B 486 -14.82 26.89 13.35
C PRO B 486 -15.32 25.67 14.13
N GLN B 487 -16.53 25.65 14.66
CA GLN B 487 -17.04 24.43 15.27
C GLN B 487 -17.58 23.47 14.20
N SER B 488 -17.92 23.97 13.03
CA SER B 488 -18.46 23.06 12.04
C SER B 488 -17.74 23.10 10.70
N ALA B 489 -16.70 23.90 10.57
CA ALA B 489 -15.99 24.02 9.30
C ALA B 489 -14.52 24.28 9.58
N VAL B 490 -13.68 24.11 8.56
CA VAL B 490 -12.22 24.28 8.70
C VAL B 490 -11.75 25.54 8.01
N VAL B 491 -12.39 25.89 6.92
CA VAL B 491 -12.00 27.10 6.21
C VAL B 491 -13.22 28.01 6.01
N ASP B 492 -12.96 29.29 5.87
CA ASP B 492 -14.04 30.26 5.66
C ASP B 492 -14.42 30.56 4.20
N SER B 493 -15.14 31.65 3.91
CA SER B 493 -15.62 31.95 2.55
C SER B 493 -14.50 32.34 1.61
N ASN B 494 -13.32 32.61 2.14
CA ASN B 494 -12.19 32.84 1.30
C ASN B 494 -11.15 31.67 1.34
N VAL B 495 -11.62 30.50 1.73
CA VAL B 495 -10.85 29.25 1.90
C VAL B 495 -9.64 29.38 2.79
N LYS B 496 -9.70 30.35 3.70
CA LYS B 496 -8.72 30.53 4.74
C LYS B 496 -9.03 29.64 5.97
N VAL B 497 -8.01 28.99 6.46
CA VAL B 497 -8.14 28.15 7.64
C VAL B 497 -8.40 29.03 8.84
N PHE B 498 -9.47 28.72 9.57
CA PHE B 498 -9.81 29.45 10.78
C PHE B 498 -8.63 29.47 11.72
N GLY B 499 -8.48 30.62 12.37
CA GLY B 499 -7.38 30.81 13.29
C GLY B 499 -6.03 31.05 12.67
N THR B 500 -5.95 31.17 11.34
CA THR B 500 -4.68 31.50 10.74
C THR B 500 -4.74 32.80 9.94
N ASN B 501 -3.62 33.45 9.75
CA ASN B 501 -3.58 34.67 8.96
C ASN B 501 -3.54 34.44 7.44
N ASN B 502 -2.79 33.40 7.05
CA ASN B 502 -2.33 33.21 5.69
C ASN B 502 -2.22 31.74 5.23
N LEU B 503 -3.06 30.85 5.82
CA LEU B 503 -3.14 29.43 5.42
C LEU B 503 -4.48 29.18 4.76
N PHE B 504 -4.41 28.58 3.59
CA PHE B 504 -5.57 28.31 2.75
C PHE B 504 -5.66 26.89 2.23
N ILE B 505 -6.85 26.47 1.82
CA ILE B 505 -6.99 25.12 1.25
C ILE B 505 -7.77 25.17 -0.08
N VAL B 506 -7.15 24.59 -1.12
CA VAL B 506 -7.76 24.49 -2.44
C VAL B 506 -7.67 23.04 -2.93
N ASP B 507 -8.64 22.22 -2.48
CA ASP B 507 -8.74 20.80 -2.92
C ASP B 507 -10.14 20.30 -2.49
N ALA B 508 -10.40 19.03 -2.73
CA ALA B 508 -11.74 18.51 -2.51
C ALA B 508 -12.23 18.61 -1.11
N GLY B 509 -11.32 18.74 -0.15
CA GLY B 509 -11.71 18.78 1.24
C GLY B 509 -12.64 19.96 1.54
N ILE B 510 -12.55 21.04 0.77
CA ILE B 510 -13.41 22.18 1.04
C ILE B 510 -14.85 22.03 0.58
N ILE B 511 -15.11 21.15 -0.35
CA ILE B 511 -16.44 21.05 -0.94
C ILE B 511 -17.37 20.52 0.18
N PRO B 512 -18.50 21.18 0.44
CA PRO B 512 -19.28 20.81 1.62
C PRO B 512 -20.25 19.65 1.49
N HIS B 513 -20.49 19.24 0.28
CA HIS B 513 -21.36 18.11 -0.07
C HIS B 513 -21.01 17.59 -1.49
N LEU B 514 -21.09 16.28 -1.67
CA LEU B 514 -20.89 15.69 -2.99
C LEU B 514 -21.82 16.40 -3.99
N PRO B 515 -21.34 16.70 -5.18
CA PRO B 515 -22.17 17.25 -6.25
C PRO B 515 -22.91 16.14 -6.91
N THR B 516 -23.72 16.49 -7.91
CA THR B 516 -24.54 15.48 -8.57
C THR B 516 -23.77 14.37 -9.25
N GLY B 517 -22.77 14.75 -10.04
CA GLY B 517 -21.97 13.79 -10.79
C GLY B 517 -20.60 13.53 -10.17
N ASN B 518 -19.80 12.69 -10.81
CA ASN B 518 -18.42 12.51 -10.44
C ASN B 518 -17.82 13.92 -10.24
N PRO B 519 -17.04 14.13 -9.16
CA PRO B 519 -16.73 15.50 -8.71
C PRO B 519 -15.63 16.32 -9.33
N GLN B 520 -14.79 15.78 -10.19
CA GLN B 520 -13.67 16.60 -10.64
C GLN B 520 -14.07 17.92 -11.33
N GLY B 521 -15.17 17.89 -12.06
CA GLY B 521 -15.61 19.10 -12.71
C GLY B 521 -16.04 20.18 -11.70
N THR B 522 -16.68 19.74 -10.62
CA THR B 522 -17.12 20.62 -9.58
C THR B 522 -15.88 21.20 -8.88
N LEU B 523 -14.95 20.32 -8.53
CA LEU B 523 -13.76 20.75 -7.84
C LEU B 523 -12.96 21.77 -8.66
N MET B 524 -12.83 21.50 -9.95
CA MET B 524 -12.02 22.40 -10.77
C MET B 524 -12.68 23.77 -10.92
N SER B 525 -14.01 23.82 -10.99
CA SER B 525 -14.70 25.11 -10.97
C SER B 525 -14.46 25.82 -9.60
N ALA B 526 -14.57 25.07 -8.53
CA ALA B 526 -14.33 25.57 -7.20
C ALA B 526 -12.94 26.10 -7.10
N ALA B 527 -11.99 25.46 -7.75
CA ALA B 527 -10.62 25.94 -7.68
C ALA B 527 -10.40 27.26 -8.41
N GLU B 528 -11.06 27.39 -9.54
CA GLU B 528 -11.08 28.68 -10.24
C GLU B 528 -11.65 29.75 -9.30
N GLN B 529 -12.76 29.42 -8.63
CA GLN B 529 -13.42 30.41 -7.75
C GLN B 529 -12.55 30.76 -6.56
N ALA B 530 -11.89 29.73 -6.04
CA ALA B 530 -10.99 29.83 -4.92
C ALA B 530 -9.81 30.76 -5.25
N ALA B 531 -9.20 30.56 -6.40
CA ALA B 531 -8.07 31.43 -6.76
C ALA B 531 -8.54 32.85 -6.85
N ALA B 532 -9.74 33.07 -7.39
CA ALA B 532 -10.23 34.46 -7.57
C ALA B 532 -10.48 35.08 -6.19
N LYS B 533 -11.04 34.30 -5.26
CA LYS B 533 -11.29 34.79 -3.91
C LYS B 533 -9.99 35.09 -3.18
N ILE B 534 -8.99 34.22 -3.36
CA ILE B 534 -7.70 34.44 -2.71
C ILE B 534 -7.04 35.74 -3.24
N LEU B 535 -7.03 35.92 -4.55
CA LEU B 535 -6.47 37.13 -5.14
C LEU B 535 -7.21 38.36 -4.67
N ALA B 536 -8.54 38.26 -4.53
CA ALA B 536 -9.37 39.41 -4.09
C ALA B 536 -9.28 39.73 -2.59
N LEU B 537 -8.71 38.78 -1.83
CA LEU B 537 -8.63 38.93 -0.36
C LEU B 537 -7.48 39.85 -0.01
N ALA B 538 -7.84 40.99 0.54
CA ALA B 538 -6.90 42.04 0.93
C ALA B 538 -5.82 41.53 1.88
N GLY B 539 -4.65 42.13 1.81
CA GLY B 539 -3.59 41.83 2.74
C GLY B 539 -2.65 40.83 2.11
N GLY B 540 -2.85 40.49 0.85
CA GLY B 540 -1.98 39.50 0.20
C GLY B 540 -0.72 40.10 -0.45
N PRO B 541 0.19 39.25 -0.91
CA PRO B 541 1.42 39.67 -1.55
C PRO B 541 1.17 40.19 -2.98
C1 NAG C . -3.89 -33.96 -19.46
C2 NAG C . -4.30 -33.96 -20.95
C3 NAG C . -4.67 -35.34 -21.50
C4 NAG C . -3.62 -36.33 -21.08
C5 NAG C . -3.18 -36.16 -19.63
C6 NAG C . -2.05 -37.14 -19.32
C7 NAG C . -5.36 -31.93 -21.79
C8 NAG C . -6.56 -31.00 -21.78
N2 NAG C . -5.42 -33.04 -21.07
O3 NAG C . -4.87 -35.33 -22.91
O4 NAG C . -4.10 -37.63 -21.24
O5 NAG C . -2.77 -34.83 -19.36
O6 NAG C . -0.88 -36.70 -19.97
O7 NAG C . -4.34 -31.60 -22.44
C1 NAG D . -1.66 6.21 26.32
C2 NAG D . -2.60 5.01 26.42
C3 NAG D . -3.79 5.37 27.29
C4 NAG D . -3.27 5.78 28.67
C5 NAG D . -2.36 6.98 28.48
C6 NAG D . -1.76 7.46 29.80
C7 NAG D . -3.01 3.30 24.76
C8 NAG D . -3.72 2.99 23.48
N2 NAG D . -3.07 4.55 25.12
O3 NAG D . -4.64 4.28 27.44
O4 NAG D . -4.45 6.05 29.42
O5 NAG D . -1.28 6.59 27.67
O6 NAG D . -0.63 8.29 29.56
O7 NAG D . -2.45 2.38 25.38
C1 NAG E . 18.56 15.18 26.90
C2 NAG E . 19.20 16.37 27.61
C3 NAG E . 20.57 16.62 27.08
C4 NAG E . 21.37 15.37 27.38
C5 NAG E . 20.71 14.18 26.72
C6 NAG E . 21.52 12.94 27.05
C7 NAG E . 17.89 18.20 28.46
C8 NAG E . 16.63 18.95 28.10
N2 NAG E . 18.46 17.58 27.43
O3 NAG E . 21.10 17.72 27.79
O4 NAG E . 22.62 15.51 26.80
O5 NAG E . 19.40 14.07 27.18
O6 NAG E . 21.23 12.57 28.38
O7 NAG E . 18.33 18.17 29.63
N1 6FA F . 13.88 -12.18 10.09
C2 6FA F . 14.97 -12.35 10.84
O2 6FA F . 15.30 -13.48 11.17
N3 6FA F . 15.72 -11.25 11.27
C4 6FA F . 15.24 -10.00 11.24
O4 6FA F . 15.80 -9.02 11.78
C4A 6FA F . 14.01 -9.82 10.45
N5 6FA F . 13.46 -8.54 10.31
C5A 6FA F . 12.49 -8.37 9.39
C6 6FA F . 12.04 -7.00 9.15
O6 6FA F . 12.71 -6.05 9.60
C7 6FA F . 11.04 -6.72 8.11
C7M 6FA F . 10.57 -5.32 7.78
C8 6FA F . 10.51 -7.91 7.44
C8M 6FA F . 9.45 -7.76 6.36
C9 6FA F . 11.00 -9.19 7.76
C9A 6FA F . 11.92 -9.42 8.75
N10 6FA F . 12.26 -10.76 9.14
C10 6FA F . 13.50 -10.91 9.78
C1' 6FA F . 11.76 -11.94 8.47
C2' 6FA F . 12.39 -12.55 7.23
O2' 6FA F . 12.98 -11.46 6.51
C3' 6FA F . 11.32 -13.32 6.44
O3' 6FA F . 10.78 -14.36 7.27
C4' 6FA F . 11.95 -13.94 5.18
O4' 6FA F . 12.57 -12.98 4.35
C5' 6FA F . 10.94 -14.80 4.44
O5' 6FA F . 11.54 -15.40 3.31
P 6FA F . 10.59 -15.98 2.17
O1P 6FA F . 11.47 -16.71 1.22
O2P 6FA F . 9.48 -16.81 2.78
O3P 6FA F . 9.87 -14.76 1.42
PA 6FA F . 10.34 -13.30 1.14
O1A 6FA F . 9.18 -12.40 1.27
O2A 6FA F . 11.61 -12.81 1.81
O5B 6FA F . 10.66 -13.33 -0.43
C5B 6FA F . 9.72 -13.60 -1.48
C4B 6FA F . 10.11 -12.95 -2.73
O4B 6FA F . 9.38 -13.52 -3.84
C3B 6FA F . 10.27 -11.55 -2.94
O3B 6FA F . 11.45 -11.14 -3.35
C2B 6FA F . 9.24 -11.21 -3.82
O2B 6FA F . 9.17 -10.03 -4.48
C1B 6FA F . 8.87 -12.41 -4.52
N9A 6FA F . 7.61 -12.69 -5.11
C8A 6FA F . 6.53 -12.67 -4.33
N7A 6FA F . 5.45 -12.92 -5.06
C5X 6FA F . 5.85 -13.16 -6.33
C6A 6FA F . 5.20 -13.52 -7.59
N6A 6FA F . 3.87 -13.68 -7.70
N1A 6FA F . 5.98 -13.62 -8.67
C2A 6FA F . 7.30 -13.45 -8.62
N3A 6FA F . 7.95 -13.16 -7.52
C4X 6FA F . 7.30 -12.97 -6.37
C1A ABL G . 12.70 -8.38 13.09
O1A ABL G . 12.83 -9.63 12.98
C2A ABL G . 11.33 -7.73 13.01
O2A ABL G . 10.59 -8.43 12.02
C3A ABL G . 11.30 -6.23 12.70
O3A ABL G . 9.98 -5.80 13.12
C4A ABL G . 12.36 -5.53 13.53
O1 ABL G . 12.47 -4.13 13.19
C5A ABL G . 13.71 -6.15 13.09
N5 ABL G . 13.74 -7.60 13.32
C6A ABL G . 14.84 -5.59 13.98
O6A ABL G . 14.58 -5.86 15.35
C1 ABL G . 11.46 -3.22 13.69
C2 ABL G . 12.01 -1.79 13.81
O2 ABL G . 13.05 -1.72 14.78
C3 ABL G . 10.90 -0.82 14.14
O3 ABL G . 11.36 0.52 14.18
C4 ABL G . 9.76 -1.00 13.10
O4 ABL G . 8.69 -0.12 13.37
C5 ABL G . 9.30 -2.44 13.06
O5 ABL G . 10.42 -3.24 12.78
C6 ABL G . 8.26 -2.71 11.97
O6 ABL G . 7.76 -4.03 12.00
C1 NAG H . -22.69 -14.59 -3.63
C2 NAG H . -23.28 -13.85 -2.43
C3 NAG H . -23.93 -14.86 -1.48
C4 NAG H . -25.04 -15.51 -2.26
C5 NAG H . -24.47 -16.11 -3.54
C6 NAG H . -25.64 -16.56 -4.40
C7 NAG H . -22.17 -11.90 -1.39
C8 NAG H . -20.92 -11.45 -0.69
N2 NAG H . -22.24 -13.20 -1.73
O3 NAG H . -24.40 -14.15 -0.36
O4 NAG H . -25.67 -16.56 -1.56
O5 NAG H . -23.76 -15.23 -4.34
O6 NAG H . -25.00 -17.09 -5.52
O7 NAG H . -23.04 -11.08 -1.61
C1 NAG I . -19.52 -15.95 -25.60
C2 NAG I . -19.68 -17.02 -26.65
C3 NAG I . -18.93 -16.67 -27.91
C4 NAG I . -19.10 -15.25 -28.42
C5 NAG I . -19.14 -14.31 -27.22
C6 NAG I . -19.54 -12.92 -27.71
C7 NAG I . -19.96 -19.31 -26.01
C8 NAG I . -19.94 -19.98 -24.67
N2 NAG I . -19.18 -18.25 -26.14
O3 NAG I . -19.40 -17.48 -28.94
O4 NAG I . -18.03 -14.98 -29.31
O5 NAG I . -20.05 -14.85 -26.26
O6 NAG I . -20.95 -12.72 -27.55
O7 NAG I . -20.71 -19.71 -26.87
N1 6FA J . -13.53 12.16 -10.37
C2 6FA J . -14.25 12.46 -11.47
O2 6FA J . -15.03 13.45 -11.44
N3 6FA J . -14.34 11.55 -12.48
C4 6FA J . -13.76 10.35 -12.54
O4 6FA J . -13.96 9.49 -13.43
C4A 6FA J . -12.95 10.06 -11.34
N5 6FA J . -12.43 8.81 -11.20
C5A 6FA J . -11.46 8.63 -10.24
C6 6FA J . -10.72 7.38 -10.25
O6 6FA J . -10.99 6.43 -11.05
C7 6FA J . -9.81 7.14 -9.17
C7M 6FA J . -9.02 5.86 -9.18
C8 6FA J . -9.57 8.18 -8.17
C8M 6FA J . -8.46 7.96 -7.16
C9 6FA J . -10.32 9.36 -8.20
C9A 6FA J . -11.22 9.58 -9.26
N10 6FA J . -12.15 10.66 -9.14
C10 6FA J . -12.83 10.97 -10.32
C1' 6FA J . -11.95 11.71 -8.17
C2' 6FA J . -11.01 12.88 -8.48
O2' 6FA J . -9.92 12.40 -9.21
C3' 6FA J . -10.58 13.47 -7.17
O3' 6FA J . -11.75 13.90 -6.39
C4' 6FA J . -9.67 14.67 -7.39
O4' 6FA J . -8.50 14.30 -8.11
C5' 6FA J . -9.28 15.25 -6.03
O5' 6FA J . -8.43 16.36 -6.25
P 6FA J . -7.56 17.02 -5.08
O1P 6FA J . -6.89 18.19 -5.59
O2P 6FA J . -8.35 17.16 -3.83
O3P 6FA J . -6.48 15.90 -4.67
PA 6FA J . -5.56 14.94 -5.57
O1A 6FA J . -5.44 13.70 -4.68
O2A 6FA J . -6.12 14.76 -6.91
O5B 6FA J . -4.17 15.64 -5.67
C5B 6FA J . -3.36 15.95 -4.55
C4B 6FA J . -1.86 15.88 -4.89
O4B 6FA J . -1.00 16.52 -3.90
C3B 6FA J . -1.16 14.82 -5.48
O3B 6FA J . -0.71 14.90 -6.72
C2B 6FA J . -0.24 14.43 -4.48
O2B 6FA J . 0.77 13.60 -4.75
C1B 6FA J . -0.02 15.54 -3.68
N9A 6FA J . 0.49 15.61 -2.39
C8A 6FA J . -0.26 14.97 -1.48
N7A 6FA J . 0.33 15.04 -0.30
C5X 6FA J . 1.40 15.84 -0.44
C6A 6FA J . 2.45 16.30 0.46
N6A 6FA J . 2.51 16.02 1.75
N1A 6FA J . 3.42 17.00 -0.08
C2A 6FA J . 3.48 17.31 -1.39
N3A 6FA J . 2.60 16.89 -2.27
C4X 6FA J . 1.54 16.17 -1.87
C1A ABL K . -14.95 7.46 -10.84
O1A ABL K . -15.30 8.59 -10.53
C2A ABL K . -14.73 6.49 -9.71
O2A ABL K . -14.04 7.20 -8.67
C3A ABL K . -13.85 5.28 -10.09
O3A ABL K . -14.11 4.25 -9.06
C4A ABL K . -14.36 4.74 -11.46
O1 ABL K . -13.63 3.62 -11.96
C5A ABL K . -14.20 5.85 -12.51
N5 ABL K . -14.86 7.07 -12.11
C6A ABL K . -14.81 5.44 -13.83
O6A ABL K . -16.22 5.21 -13.74
C1 ABL K . -13.73 2.36 -11.37
C2 ABL K . -13.32 1.27 -12.40
O2 ABL K . -14.23 1.30 -13.53
C3 ABL K . -13.32 -0.10 -11.71
O3 ABL K . -13.05 -1.14 -12.63
C4 ABL K . -12.40 -0.01 -10.47
O4 ABL K . -12.46 -1.20 -9.72
C5 ABL K . -12.82 1.16 -9.57
O5 ABL K . -12.85 2.41 -10.26
C6 ABL K . -11.97 1.32 -8.35
O6 ABL K . -12.50 2.31 -7.52
#